data_7C0V
#
_entry.id   7C0V
#
_cell.length_a   66.330
_cell.length_b   57.780
_cell.length_c   121.840
_cell.angle_alpha   90.000
_cell.angle_beta   94.990
_cell.angle_gamma   90.000
#
_symmetry.space_group_name_H-M   'P 1 21 1'
#
loop_
_entity.id
_entity.type
_entity.pdbx_description
1 polymer 'Sugar ABC transporter, periplasmic sugar-binding protein'
2 non-polymer 'CARBON DIOXIDE'
3 non-polymer 1,2-ETHANEDIOL
4 non-polymer GLYCEROL
5 non-polymer '[(1S,3R,3aR,6aS)-3-(2-azanyl-6-oxidanylidene-1H-purin-9-yl)-5,5-bis(oxidanyl)-1,3,3a,4,6,6a-hexahydrocyclopenta[c]furan-1-yl]methyl [(2R,3S,4R,5R)-5-[2,4-bis(oxidanylidene)pyrimidin-1-yl]-2-(hydroxymethyl)-4-oxidanyl-oxolan-3-yl] hydrogen phosphate'
6 non-polymer 1,3-PROPANDIOL
7 water water
#
_entity_poly.entity_id   1
_entity_poly.type   'polypeptide(L)'
_entity_poly.pdbx_seq_one_letter_code
;MMKPEDVIKEQCARAKVVAELWHGFTGGAPKAALENLVVEFNKAQQGRCVRPVPQGGYRDLSTKIKAAFAAGKVPTMAQA
FENNIALYLEAKALLPIESLGVKLQGVNLTFLNAVRFGGVVYGVPFNKSIQVLYYNKDLLKKHGVPVPATLEEFVAAAKK
LSRAEGGPVYWFQPDASTFAYFFFNLGGSYLKDGKLVLNSKEAVEALTLLQNGVKEGWAKPITSGAINQNLGSGPYAFSV
DTSAGYTYYLRAAKFDLGVATLPGRTKGQPGYGLVQGTNLVVFRQASKEEQAVAKDFLEFVLSPRAQAVFATATGYVPVT
EGALKDPVYQAYAAENPDYATIVRQSRYAKFEPALAEWEQIRFDILGQAIKEAILNKADPKAALDRAQKLAEDLLSSRTR
HHHHHH
;
_entity_poly.pdbx_strand_id   A,B
#
loop_
_chem_comp.id
_chem_comp.type
_chem_comp.name
_chem_comp.formula
CO2 non-polymer 'CARBON DIOXIDE' 'C O2'
EDO non-polymer 1,2-ETHANEDIOL 'C2 H6 O2'
FGO non-polymer '[(1S,3R,3aR,6aS)-3-(2-azanyl-6-oxidanylidene-1H-purin-9-yl)-5,5-bis(oxidanyl)-1,3,3a,4,6,6a-hexahydrocyclopenta[c]furan-1-yl]methyl [(2R,3S,4R,5R)-5-[2,4-bis(oxidanylidene)pyrimidin-1-yl]-2-(hydroxymethyl)-4-oxidanyl-oxolan-3-yl] hydrogen phosphate' 'C22 H28 N7 O13 P'
GOL non-polymer GLYCEROL 'C3 H8 O3'
PDO non-polymer 1,3-PROPANDIOL 'C3 H8 O2'
#
# COMPACT_ATOMS: atom_id res chain seq x y z
N MET A 2 -4.85 -44.64 -1.39
CA MET A 2 -4.33 -43.78 -0.27
C MET A 2 -3.10 -43.01 -0.75
N LYS A 3 -3.22 -41.68 -0.68
CA LYS A 3 -2.36 -40.63 -1.29
C LYS A 3 -1.15 -40.37 -0.40
N PRO A 4 0.02 -40.09 -0.99
CA PRO A 4 1.19 -39.63 -0.22
C PRO A 4 0.91 -38.51 0.80
N GLU A 5 0.13 -37.48 0.47
CA GLU A 5 -0.12 -36.36 1.43
C GLU A 5 -0.82 -36.87 2.71
N ASP A 6 -1.57 -37.99 2.61
CA ASP A 6 -2.22 -38.70 3.75
C ASP A 6 -1.12 -39.37 4.57
N VAL A 7 -0.31 -40.23 3.94
CA VAL A 7 0.86 -40.88 4.61
C VAL A 7 1.63 -39.80 5.37
N ILE A 8 1.94 -38.69 4.74
CA ILE A 8 2.75 -37.57 5.32
C ILE A 8 1.99 -36.99 6.53
N LYS A 9 0.70 -36.73 6.39
CA LYS A 9 -0.14 -36.12 7.48
C LYS A 9 0.00 -37.00 8.73
N GLU A 10 -0.03 -38.31 8.50
CA GLU A 10 0.11 -39.36 9.54
C GLU A 10 1.50 -39.32 10.14
N GLN A 11 2.54 -39.23 9.30
CA GLN A 11 3.95 -39.15 9.75
C GLN A 11 4.06 -37.95 10.69
N CYS A 12 3.56 -36.78 10.28
CA CYS A 12 3.76 -35.52 11.04
C CYS A 12 2.93 -35.55 12.35
N ALA A 13 1.78 -36.23 12.34
CA ALA A 13 0.91 -36.41 13.54
C ALA A 13 1.72 -36.92 14.73
N ARG A 14 2.57 -37.92 14.51
CA ARG A 14 3.35 -38.66 15.53
C ARG A 14 4.68 -37.93 15.85
N ALA A 15 5.06 -36.95 15.04
CA ALA A 15 6.40 -36.32 15.05
C ALA A 15 6.51 -35.24 16.13
N LYS A 16 7.66 -35.19 16.79
CA LYS A 16 7.97 -34.19 17.86
C LYS A 16 8.25 -32.86 17.18
N VAL A 17 8.91 -32.87 16.02
CA VAL A 17 9.27 -31.61 15.29
C VAL A 17 8.91 -31.76 13.79
N VAL A 18 8.23 -30.74 13.27
CA VAL A 18 7.59 -30.76 11.92
C VAL A 18 8.09 -29.52 11.20
N ALA A 19 8.89 -29.68 10.16
CA ALA A 19 9.41 -28.53 9.38
C ALA A 19 8.50 -28.36 8.16
N GLU A 20 7.79 -27.24 8.07
CA GLU A 20 6.83 -27.00 6.95
C GLU A 20 7.65 -26.59 5.71
N LEU A 21 7.27 -27.10 4.54
CA LEU A 21 7.91 -26.81 3.24
C LEU A 21 6.80 -26.28 2.34
N TRP A 22 6.75 -24.96 2.16
CA TRP A 22 5.71 -24.33 1.32
C TRP A 22 6.15 -24.40 -0.13
N HIS A 23 5.26 -24.88 -0.97
CA HIS A 23 5.62 -25.13 -2.40
C HIS A 23 4.53 -24.64 -3.32
N GLY A 24 4.86 -24.54 -4.60
CA GLY A 24 3.99 -24.05 -5.68
C GLY A 24 3.62 -25.14 -6.67
N PHE A 25 3.64 -26.41 -6.29
CA PHE A 25 3.21 -27.53 -7.17
C PHE A 25 1.72 -27.76 -6.96
N THR A 26 0.91 -27.52 -7.99
CA THR A 26 -0.56 -27.67 -7.93
C THR A 26 -0.95 -29.11 -8.25
N GLY A 27 -0.10 -29.94 -8.84
CA GLY A 27 -0.52 -31.32 -9.11
C GLY A 27 0.48 -32.06 -9.99
N GLY A 28 -0.02 -33.11 -10.66
CA GLY A 28 0.71 -33.98 -11.58
C GLY A 28 2.01 -34.50 -10.99
N ALA A 29 2.97 -34.81 -11.84
CA ALA A 29 4.23 -35.51 -11.45
C ALA A 29 5.06 -34.65 -10.49
N PRO A 30 5.22 -33.33 -10.69
CA PRO A 30 5.98 -32.51 -9.73
C PRO A 30 5.48 -32.63 -8.27
N LYS A 31 4.19 -32.48 -8.05
CA LYS A 31 3.59 -32.67 -6.71
C LYS A 31 3.86 -34.10 -6.20
N ALA A 32 3.67 -35.12 -7.03
CA ALA A 32 3.73 -36.51 -6.56
C ALA A 32 5.19 -36.84 -6.22
N ALA A 33 6.14 -36.40 -7.06
CA ALA A 33 7.59 -36.69 -6.87
C ALA A 33 8.13 -35.97 -5.62
N LEU A 34 7.67 -34.75 -5.33
CA LEU A 34 7.95 -34.03 -4.05
C LEU A 34 7.40 -34.80 -2.87
N GLU A 35 6.14 -35.24 -2.95
CA GLU A 35 5.47 -35.96 -1.87
C GLU A 35 6.18 -37.29 -1.66
N ASN A 36 6.53 -37.97 -2.73
CA ASN A 36 7.22 -39.27 -2.65
C ASN A 36 8.56 -39.11 -1.92
N LEU A 37 9.32 -38.11 -2.31
CA LEU A 37 10.62 -37.72 -1.69
C LEU A 37 10.46 -37.52 -0.18
N VAL A 38 9.46 -36.73 0.20
CA VAL A 38 9.18 -36.42 1.63
C VAL A 38 8.79 -37.69 2.41
N VAL A 39 7.91 -38.55 1.87
CA VAL A 39 7.50 -39.83 2.51
C VAL A 39 8.76 -40.68 2.80
N GLU A 40 9.67 -40.78 1.84
CA GLU A 40 10.95 -41.54 2.01
C GLU A 40 11.80 -40.91 3.13
N PHE A 41 12.05 -39.60 3.08
CA PHE A 41 12.80 -38.85 4.12
C PHE A 41 12.15 -39.10 5.48
N ASN A 42 10.85 -38.89 5.59
CA ASN A 42 10.14 -39.00 6.89
C ASN A 42 10.26 -40.42 7.49
N LYS A 43 10.37 -41.47 6.69
CA LYS A 43 10.50 -42.87 7.22
C LYS A 43 11.85 -43.06 7.90
N ALA A 44 12.86 -42.29 7.54
CA ALA A 44 14.22 -42.46 8.11
C ALA A 44 14.35 -41.64 9.40
N GLN A 45 13.34 -40.88 9.80
CA GLN A 45 13.46 -40.02 11.00
C GLN A 45 12.83 -40.73 12.20
N GLN A 46 13.19 -40.31 13.40
CA GLN A 46 12.41 -40.67 14.60
C GLN A 46 11.94 -39.36 15.26
N GLY A 47 10.64 -39.05 15.16
CA GLY A 47 9.99 -37.87 15.78
C GLY A 47 10.27 -36.58 15.04
N ARG A 48 10.73 -36.65 13.78
CA ARG A 48 11.17 -35.50 12.96
C ARG A 48 10.61 -35.66 11.56
N CYS A 49 9.92 -34.66 11.03
CA CYS A 49 9.29 -34.78 9.69
C CYS A 49 9.32 -33.48 8.93
N VAL A 50 9.22 -33.58 7.60
CA VAL A 50 8.85 -32.42 6.74
C VAL A 50 7.36 -32.54 6.40
N ARG A 51 6.63 -31.43 6.53
CA ARG A 51 5.23 -31.33 6.06
C ARG A 51 5.22 -30.39 4.85
N PRO A 52 5.01 -30.92 3.63
CA PRO A 52 4.78 -30.06 2.46
C PRO A 52 3.38 -29.44 2.48
N VAL A 53 3.30 -28.11 2.24
CA VAL A 53 2.02 -27.35 2.20
C VAL A 53 1.91 -26.70 0.84
N PRO A 54 0.94 -27.14 0.00
CA PRO A 54 0.71 -26.52 -1.30
C PRO A 54 0.11 -25.12 -1.08
N GLN A 55 0.67 -24.10 -1.71
CA GLN A 55 0.26 -22.69 -1.51
C GLN A 55 -0.38 -22.18 -2.82
N GLY A 56 -0.60 -23.08 -3.78
CA GLY A 56 -1.12 -22.79 -5.13
C GLY A 56 0.03 -22.80 -6.12
N GLY A 57 0.12 -21.82 -7.00
CA GLY A 57 1.22 -21.71 -7.99
C GLY A 57 2.39 -20.95 -7.38
N TYR A 58 3.40 -20.63 -8.19
CA TYR A 58 4.58 -19.92 -7.67
C TYR A 58 4.24 -18.49 -7.20
N ARG A 59 3.38 -17.76 -7.91
CA ARG A 59 2.94 -16.38 -7.59
CA ARG A 59 3.09 -16.36 -7.48
C ARG A 59 2.16 -16.40 -6.25
N ASP A 60 1.24 -17.34 -6.15
CA ASP A 60 0.46 -17.56 -4.89
C ASP A 60 1.43 -17.81 -3.72
N LEU A 61 2.47 -18.61 -3.96
CA LEU A 61 3.44 -19.01 -2.93
C LEU A 61 4.15 -17.76 -2.39
N SER A 62 4.64 -16.90 -3.26
CA SER A 62 5.45 -15.75 -2.82
C SER A 62 4.52 -14.71 -2.15
N THR A 63 3.25 -14.65 -2.58
CA THR A 63 2.21 -13.77 -1.94
C THR A 63 1.95 -14.25 -0.51
N LYS A 64 1.84 -15.57 -0.34
CA LYS A 64 1.60 -16.23 0.95
C LYS A 64 2.83 -16.07 1.84
N ILE A 65 4.06 -16.12 1.30
CA ILE A 65 5.30 -15.93 2.11
C ILE A 65 5.33 -14.49 2.64
N LYS A 66 5.01 -13.51 1.78
CA LYS A 66 4.93 -12.08 2.17
C LYS A 66 3.94 -11.91 3.33
N ALA A 67 2.75 -12.51 3.22
CA ALA A 67 1.72 -12.46 4.29
C ALA A 67 2.21 -13.17 5.56
N ALA A 68 2.95 -14.29 5.43
CA ALA A 68 3.57 -15.00 6.57
C ALA A 68 4.53 -14.06 7.34
N PHE A 69 5.38 -13.30 6.64
CA PHE A 69 6.27 -12.28 7.26
C PHE A 69 5.40 -11.29 8.04
N ALA A 70 4.36 -10.75 7.40
CA ALA A 70 3.47 -9.71 8.01
C ALA A 70 2.75 -10.29 9.26
N ALA A 71 2.44 -11.59 9.27
CA ALA A 71 1.75 -12.28 10.38
C ALA A 71 2.76 -12.79 11.40
N GLY A 72 4.04 -12.91 11.02
CA GLY A 72 5.19 -13.41 11.84
C GLY A 72 5.21 -14.92 12.03
N LYS A 73 4.71 -15.69 11.08
CA LYS A 73 4.68 -17.19 11.14
C LYS A 73 5.20 -17.77 9.82
N VAL A 74 6.51 -17.83 9.59
CA VAL A 74 7.01 -18.39 8.30
C VAL A 74 7.15 -19.90 8.43
N PRO A 75 7.10 -20.67 7.32
CA PRO A 75 7.53 -22.06 7.36
C PRO A 75 9.05 -22.21 7.64
N THR A 76 9.55 -23.43 7.76
CA THR A 76 11.00 -23.72 7.81
C THR A 76 11.61 -23.50 6.41
N MET A 77 10.96 -24.08 5.41
CA MET A 77 11.48 -24.02 4.02
C MET A 77 10.38 -23.58 3.06
N ALA A 78 10.79 -23.02 1.93
CA ALA A 78 9.87 -22.76 0.81
C ALA A 78 10.66 -22.79 -0.49
N GLN A 79 9.96 -23.08 -1.57
CA GLN A 79 10.49 -22.86 -2.92
C GLN A 79 10.61 -21.37 -3.15
N ALA A 80 11.59 -20.98 -3.96
CA ALA A 80 11.91 -19.59 -4.32
C ALA A 80 12.68 -19.53 -5.62
N PHE A 81 12.22 -18.65 -6.54
CA PHE A 81 13.07 -18.14 -7.64
C PHE A 81 14.19 -17.27 -7.05
N GLU A 82 15.24 -17.07 -7.85
CA GLU A 82 16.40 -16.19 -7.56
C GLU A 82 15.89 -14.80 -7.15
N ASN A 83 14.89 -14.22 -7.85
CA ASN A 83 14.42 -12.84 -7.53
C ASN A 83 13.61 -12.83 -6.23
N ASN A 84 12.97 -13.95 -5.85
CA ASN A 84 12.29 -14.09 -4.53
C ASN A 84 13.36 -14.11 -3.44
N ILE A 85 14.45 -14.87 -3.66
CA ILE A 85 15.59 -14.89 -2.70
C ILE A 85 16.06 -13.45 -2.44
N ALA A 86 16.29 -12.69 -3.51
CA ALA A 86 16.70 -11.27 -3.48
C ALA A 86 15.71 -10.48 -2.61
N LEU A 87 14.41 -10.69 -2.81
CA LEU A 87 13.39 -9.97 -2.02
C LEU A 87 13.46 -10.37 -0.54
N TYR A 88 13.49 -11.66 -0.23
CA TYR A 88 13.54 -12.16 1.17
C TYR A 88 14.83 -11.69 1.83
N LEU A 89 15.92 -11.54 1.07
CA LEU A 89 17.19 -11.02 1.65
C LEU A 89 17.06 -9.54 2.06
N GLU A 90 16.15 -8.75 1.48
CA GLU A 90 15.87 -7.37 1.92
C GLU A 90 15.37 -7.40 3.36
N ALA A 91 14.57 -8.39 3.74
CA ALA A 91 13.98 -8.51 5.10
C ALA A 91 14.95 -9.29 6.00
N LYS A 92 16.12 -9.70 5.48
CA LYS A 92 17.14 -10.55 6.18
C LYS A 92 16.47 -11.85 6.63
N ALA A 93 15.56 -12.43 5.85
CA ALA A 93 14.66 -13.48 6.37
C ALA A 93 15.30 -14.86 6.16
N LEU A 94 16.45 -14.97 5.50
CA LEU A 94 16.95 -16.29 5.00
C LEU A 94 18.24 -16.71 5.73
N LEU A 95 18.36 -18.00 6.02
CA LEU A 95 19.56 -18.54 6.67
C LEU A 95 20.56 -18.89 5.56
N PRO A 96 21.86 -18.53 5.72
CA PRO A 96 22.89 -19.01 4.79
C PRO A 96 23.01 -20.55 4.88
N ILE A 97 22.95 -21.17 3.71
CA ILE A 97 22.88 -22.66 3.56
C ILE A 97 24.12 -23.32 4.18
N GLU A 98 25.31 -22.80 3.88
CA GLU A 98 26.61 -23.33 4.33
C GLU A 98 26.69 -23.27 5.85
N SER A 99 26.09 -22.28 6.51
CA SER A 99 26.02 -22.18 7.99
CA SER A 99 26.02 -22.18 8.00
C SER A 99 25.23 -23.37 8.57
N LEU A 100 24.25 -23.91 7.84
CA LEU A 100 23.49 -25.09 8.32
C LEU A 100 24.36 -26.34 8.29
N GLY A 101 25.45 -26.36 7.52
CA GLY A 101 26.34 -27.51 7.33
C GLY A 101 26.07 -28.31 6.05
N VAL A 102 25.19 -27.86 5.16
CA VAL A 102 24.81 -28.58 3.91
C VAL A 102 25.97 -28.48 2.93
N LYS A 103 26.44 -29.60 2.40
CA LYS A 103 27.61 -29.61 1.48
C LYS A 103 27.06 -29.35 0.07
N LEU A 104 27.65 -28.41 -0.64
CA LEU A 104 27.18 -27.98 -1.99
C LEU A 104 28.23 -28.33 -3.06
N GLN A 105 29.33 -29.02 -2.71
CA GLN A 105 30.30 -29.50 -3.72
C GLN A 105 29.59 -30.44 -4.69
N GLY A 106 29.76 -30.25 -5.98
CA GLY A 106 29.10 -31.13 -6.95
C GLY A 106 27.75 -30.58 -7.39
N VAL A 107 27.19 -29.54 -6.74
CA VAL A 107 26.02 -28.84 -7.35
C VAL A 107 26.50 -28.12 -8.62
N ASN A 108 25.79 -28.36 -9.70
CA ASN A 108 26.08 -27.70 -11.00
C ASN A 108 26.25 -26.17 -10.75
N LEU A 109 27.34 -25.58 -11.27
CA LEU A 109 27.68 -24.15 -11.04
C LEU A 109 26.65 -23.21 -11.71
N THR A 110 26.01 -23.63 -12.81
CA THR A 110 24.87 -22.93 -13.47
C THR A 110 23.79 -22.64 -12.40
N PHE A 111 23.59 -23.54 -11.46
CA PHE A 111 22.50 -23.46 -10.45
C PHE A 111 23.04 -22.83 -9.17
N LEU A 112 24.22 -23.23 -8.75
CA LEU A 112 24.88 -22.66 -7.53
C LEU A 112 25.14 -21.16 -7.70
N ASN A 113 25.70 -20.74 -8.83
CA ASN A 113 26.01 -19.31 -9.06
C ASN A 113 24.69 -18.52 -8.86
N ALA A 114 23.57 -19.08 -9.31
CA ALA A 114 22.24 -18.40 -9.30
C ALA A 114 21.75 -18.19 -7.85
N VAL A 115 22.23 -18.98 -6.86
CA VAL A 115 21.72 -18.87 -5.46
C VAL A 115 22.74 -18.14 -4.57
N ARG A 116 23.82 -17.64 -5.16
CA ARG A 116 24.93 -17.00 -4.39
C ARG A 116 24.72 -15.49 -4.46
N PHE A 117 24.52 -14.83 -3.33
CA PHE A 117 24.30 -13.37 -3.24
C PHE A 117 25.37 -12.78 -2.32
N GLY A 118 26.19 -11.84 -2.83
CA GLY A 118 27.34 -11.27 -2.09
C GLY A 118 28.25 -12.39 -1.63
N GLY A 119 28.45 -13.41 -2.48
CA GLY A 119 29.36 -14.55 -2.23
C GLY A 119 28.75 -15.58 -1.31
N VAL A 120 27.50 -15.40 -0.85
CA VAL A 120 26.85 -16.28 0.14
C VAL A 120 25.66 -17.00 -0.52
N VAL A 121 25.68 -18.33 -0.42
CA VAL A 121 24.58 -19.21 -0.92
C VAL A 121 23.38 -19.12 0.02
N TYR A 122 22.21 -18.75 -0.51
CA TYR A 122 20.98 -18.62 0.31
C TYR A 122 19.87 -19.55 -0.20
N GLY A 123 20.18 -20.44 -1.16
CA GLY A 123 19.20 -21.43 -1.57
C GLY A 123 19.86 -22.74 -2.00
N VAL A 124 19.07 -23.79 -2.06
CA VAL A 124 19.54 -25.14 -2.53
C VAL A 124 18.78 -25.43 -3.82
N PRO A 125 19.45 -25.43 -4.96
CA PRO A 125 18.74 -25.81 -6.18
C PRO A 125 18.03 -27.15 -5.94
N PHE A 126 16.77 -27.22 -6.34
CA PHE A 126 15.90 -28.37 -6.00
C PHE A 126 15.24 -28.89 -7.31
N ASN A 127 14.31 -28.09 -7.85
CA ASN A 127 13.54 -28.40 -9.08
C ASN A 127 13.91 -27.33 -10.12
N LYS A 128 15.00 -27.57 -10.87
CA LYS A 128 15.54 -26.60 -11.84
C LYS A 128 15.22 -27.17 -13.22
N SER A 129 14.51 -26.36 -13.99
CA SER A 129 14.06 -26.70 -15.37
C SER A 129 14.86 -25.93 -16.41
N ILE A 130 14.79 -26.44 -17.62
CA ILE A 130 15.39 -25.73 -18.75
C ILE A 130 14.35 -25.80 -19.86
N GLN A 131 14.24 -24.74 -20.65
CA GLN A 131 13.38 -24.78 -21.86
C GLN A 131 13.94 -25.79 -22.86
N VAL A 132 13.05 -26.56 -23.51
CA VAL A 132 13.46 -27.51 -24.60
C VAL A 132 12.52 -27.25 -25.75
N LEU A 133 12.86 -27.79 -26.91
CA LEU A 133 11.93 -27.87 -28.05
C LEU A 133 11.12 -29.16 -27.97
N TYR A 134 9.85 -29.00 -27.67
CA TYR A 134 8.88 -30.09 -27.85
C TYR A 134 8.45 -30.10 -29.31
N TYR A 135 8.28 -31.30 -29.84
CA TYR A 135 7.82 -31.37 -31.25
C TYR A 135 6.96 -32.61 -31.51
N ASN A 136 6.27 -32.56 -32.65
CA ASN A 136 5.39 -33.65 -33.11
C ASN A 136 6.19 -34.50 -34.08
N LYS A 137 6.74 -35.61 -33.63
CA LYS A 137 7.61 -36.46 -34.48
C LYS A 137 6.85 -36.93 -35.71
N ASP A 138 5.60 -37.27 -35.54
CA ASP A 138 4.75 -37.77 -36.64
C ASP A 138 4.66 -36.70 -37.73
N LEU A 139 4.39 -35.47 -37.32
CA LEU A 139 4.05 -34.42 -38.30
C LEU A 139 5.34 -34.02 -39.05
N LEU A 140 6.49 -33.91 -38.37
CA LEU A 140 7.75 -33.59 -39.09
C LEU A 140 8.06 -34.74 -40.07
N LYS A 141 7.85 -35.99 -39.69
CA LYS A 141 8.12 -37.15 -40.60
C LYS A 141 7.16 -37.11 -41.81
N LYS A 142 5.89 -36.90 -41.55
CA LYS A 142 4.89 -36.80 -42.62
C LYS A 142 5.37 -35.82 -43.71
N HIS A 143 6.07 -34.73 -43.41
CA HIS A 143 6.43 -33.70 -44.42
C HIS A 143 7.95 -33.68 -44.75
N GLY A 144 8.68 -34.67 -44.26
CA GLY A 144 10.15 -34.83 -44.48
C GLY A 144 10.92 -33.65 -43.92
N VAL A 145 10.48 -33.09 -42.82
CA VAL A 145 11.10 -31.88 -42.19
C VAL A 145 12.05 -32.32 -41.09
N PRO A 146 13.38 -32.05 -41.22
CA PRO A 146 14.33 -32.32 -40.15
C PRO A 146 13.94 -31.48 -38.93
N VAL A 147 14.29 -31.97 -37.76
CA VAL A 147 14.22 -31.16 -36.51
C VAL A 147 15.04 -29.91 -36.75
N PRO A 148 14.49 -28.70 -36.57
CA PRO A 148 15.26 -27.49 -36.83
C PRO A 148 16.33 -27.30 -35.76
N ALA A 149 17.59 -27.04 -36.19
CA ALA A 149 18.75 -26.80 -35.28
C ALA A 149 19.08 -25.32 -35.19
N THR A 150 18.57 -24.48 -36.07
CA THR A 150 18.83 -23.04 -36.06
C THR A 150 17.50 -22.31 -36.05
N LEU A 151 17.54 -21.08 -35.60
CA LEU A 151 16.35 -20.20 -35.61
C LEU A 151 15.84 -20.09 -37.05
N GLU A 152 16.76 -19.94 -38.00
CA GLU A 152 16.39 -19.80 -39.42
C GLU A 152 15.64 -21.07 -39.83
N GLU A 153 16.15 -22.26 -39.51
CA GLU A 153 15.48 -23.56 -39.87
C GLU A 153 14.14 -23.68 -39.14
N PHE A 154 14.07 -23.19 -37.90
CA PHE A 154 12.82 -23.21 -37.09
C PHE A 154 11.72 -22.42 -37.79
N VAL A 155 11.98 -21.16 -38.14
CA VAL A 155 10.99 -20.33 -38.86
C VAL A 155 10.59 -20.98 -40.21
N ALA A 156 11.55 -21.51 -40.93
CA ALA A 156 11.33 -22.09 -42.29
C ALA A 156 10.46 -23.34 -42.13
N ALA A 157 10.72 -24.14 -41.12
CA ALA A 157 9.98 -25.37 -40.78
C ALA A 157 8.56 -25.02 -40.33
N ALA A 158 8.40 -23.99 -39.50
CA ALA A 158 7.04 -23.60 -38.99
C ALA A 158 6.19 -23.11 -40.18
N LYS A 159 6.81 -22.38 -41.13
CA LYS A 159 6.07 -21.87 -42.32
C LYS A 159 5.66 -23.05 -43.22
N LYS A 160 6.58 -23.97 -43.46
CA LYS A 160 6.38 -25.09 -44.42
C LYS A 160 5.26 -25.97 -43.85
N LEU A 161 5.32 -26.26 -42.57
CA LEU A 161 4.37 -27.18 -41.93
C LEU A 161 3.02 -26.48 -41.78
N SER A 162 3.00 -25.19 -41.47
CA SER A 162 1.73 -24.48 -41.28
C SER A 162 1.00 -24.43 -42.61
N ARG A 163 1.71 -24.07 -43.68
CA ARG A 163 1.09 -24.05 -45.04
C ARG A 163 0.52 -25.45 -45.34
N ALA A 164 1.29 -26.52 -45.12
CA ALA A 164 0.88 -27.91 -45.40
C ALA A 164 -0.35 -28.31 -44.56
N GLU A 165 -0.50 -27.89 -43.31
CA GLU A 165 -1.56 -28.46 -42.43
C GLU A 165 -2.71 -27.46 -42.35
N GLY A 166 -2.54 -26.25 -42.89
CA GLY A 166 -3.62 -25.25 -43.03
C GLY A 166 -3.85 -24.49 -41.72
N GLY A 167 -2.81 -24.34 -40.91
CA GLY A 167 -2.92 -23.62 -39.63
C GLY A 167 -1.59 -23.56 -38.89
N PRO A 168 -1.51 -22.65 -37.91
CA PRO A 168 -0.22 -22.32 -37.27
C PRO A 168 0.27 -23.45 -36.35
N VAL A 169 1.50 -23.90 -36.56
CA VAL A 169 2.00 -25.16 -35.94
C VAL A 169 3.02 -24.87 -34.83
N TYR A 170 3.53 -23.65 -34.73
CA TYR A 170 4.41 -23.28 -33.61
C TYR A 170 3.51 -22.68 -32.52
N TRP A 171 3.33 -23.36 -31.41
CA TRP A 171 2.39 -22.92 -30.35
C TRP A 171 3.18 -22.21 -29.26
N PHE A 172 2.71 -21.06 -28.78
CA PHE A 172 3.47 -20.32 -27.76
C PHE A 172 2.50 -19.55 -26.89
N GLN A 173 2.85 -19.49 -25.63
CA GLN A 173 2.24 -18.50 -24.71
C GLN A 173 2.87 -17.16 -24.92
N PRO A 174 2.05 -16.09 -25.04
CA PRO A 174 2.56 -14.73 -25.13
C PRO A 174 2.95 -14.24 -23.73
N ASP A 175 4.08 -14.74 -23.23
CA ASP A 175 4.56 -14.48 -21.86
C ASP A 175 6.08 -14.20 -21.82
N ALA A 176 6.59 -13.73 -20.67
CA ALA A 176 8.02 -13.39 -20.44
C ALA A 176 8.91 -14.59 -20.76
N SER A 177 8.46 -15.80 -20.47
CA SER A 177 9.30 -17.02 -20.63
C SER A 177 9.55 -17.31 -22.12
N THR A 178 8.50 -17.31 -22.94
CA THR A 178 8.65 -17.56 -24.39
C THR A 178 9.51 -16.44 -24.97
N PHE A 179 9.19 -15.19 -24.58
CA PHE A 179 9.93 -14.02 -25.06
C PHE A 179 11.43 -14.20 -24.80
N ALA A 180 11.81 -14.72 -23.60
CA ALA A 180 13.21 -14.89 -23.15
C ALA A 180 13.98 -15.74 -24.14
N TYR A 181 13.37 -16.83 -24.57
CA TYR A 181 14.03 -17.73 -25.57
C TYR A 181 14.47 -16.94 -26.81
N PHE A 182 13.59 -16.18 -27.42
CA PHE A 182 13.88 -15.47 -28.70
C PHE A 182 14.79 -14.29 -28.39
N PHE A 183 14.54 -13.63 -27.28
CA PHE A 183 15.37 -12.46 -26.88
C PHE A 183 16.84 -12.85 -26.71
N PHE A 184 17.10 -13.85 -25.87
CA PHE A 184 18.44 -14.35 -25.53
C PHE A 184 19.11 -14.78 -26.84
N ASN A 185 18.37 -15.50 -27.70
CA ASN A 185 19.00 -16.12 -28.90
C ASN A 185 19.14 -15.14 -30.05
N LEU A 186 18.60 -13.93 -29.92
CA LEU A 186 18.91 -12.84 -30.86
C LEU A 186 19.99 -11.91 -30.28
N GLY A 187 20.67 -12.31 -29.20
CA GLY A 187 21.80 -11.54 -28.69
C GLY A 187 21.40 -10.57 -27.58
N GLY A 188 20.18 -10.71 -27.03
CA GLY A 188 19.62 -9.76 -26.06
C GLY A 188 20.21 -9.97 -24.67
N SER A 189 20.31 -8.92 -23.91
CA SER A 189 20.58 -9.00 -22.46
C SER A 189 19.72 -7.97 -21.74
N TYR A 190 19.21 -8.32 -20.55
CA TYR A 190 18.28 -7.49 -19.75
C TYR A 190 19.03 -6.38 -19.01
N LEU A 191 20.24 -6.63 -18.54
CA LEU A 191 21.03 -5.60 -17.80
C LEU A 191 22.04 -4.97 -18.77
N LYS A 192 22.04 -3.63 -18.81
CA LYS A 192 22.99 -2.79 -19.60
C LYS A 192 23.67 -1.86 -18.61
N ASP A 193 24.92 -2.18 -18.23
CA ASP A 193 25.70 -1.35 -17.27
C ASP A 193 24.87 -1.26 -15.99
N GLY A 194 24.24 -2.39 -15.62
CA GLY A 194 23.52 -2.55 -14.35
C GLY A 194 22.09 -2.01 -14.38
N LYS A 195 21.62 -1.40 -15.46
CA LYS A 195 20.21 -0.91 -15.51
C LYS A 195 19.37 -1.91 -16.28
N LEU A 196 18.14 -2.13 -15.80
CA LEU A 196 17.16 -3.07 -16.42
C LEU A 196 16.64 -2.39 -17.68
N VAL A 197 16.74 -3.08 -18.82
CA VAL A 197 16.29 -2.54 -20.13
C VAL A 197 15.40 -3.59 -20.82
N LEU A 198 14.12 -3.25 -20.95
CA LEU A 198 13.08 -4.13 -21.54
C LEU A 198 12.87 -3.78 -23.01
N ASN A 199 13.38 -2.63 -23.50
CA ASN A 199 13.01 -2.09 -24.82
C ASN A 199 14.25 -1.99 -25.72
N SER A 200 15.26 -2.81 -25.51
CA SER A 200 16.46 -2.82 -26.38
C SER A 200 16.05 -3.26 -27.78
N LYS A 201 16.90 -3.03 -28.77
CA LYS A 201 16.55 -3.45 -30.14
C LYS A 201 16.35 -4.97 -30.21
N GLU A 202 17.05 -5.81 -29.41
CA GLU A 202 16.87 -7.29 -29.49
C GLU A 202 15.48 -7.64 -28.90
N ALA A 203 14.99 -6.87 -27.92
CA ALA A 203 13.64 -7.03 -27.34
C ALA A 203 12.61 -6.71 -28.42
N VAL A 204 12.77 -5.60 -29.12
CA VAL A 204 11.88 -5.21 -30.26
C VAL A 204 11.92 -6.34 -31.31
N GLU A 205 13.14 -6.79 -31.69
CA GLU A 205 13.31 -7.85 -32.71
C GLU A 205 12.56 -9.12 -32.29
N ALA A 206 12.74 -9.54 -31.04
CA ALA A 206 12.18 -10.83 -30.56
C ALA A 206 10.64 -10.76 -30.59
N LEU A 207 10.07 -9.67 -30.07
CA LEU A 207 8.59 -9.47 -29.97
C LEU A 207 8.03 -9.24 -31.38
N THR A 208 8.81 -8.63 -32.25
CA THR A 208 8.40 -8.49 -33.67
C THR A 208 8.31 -9.86 -34.32
N LEU A 209 9.24 -10.76 -34.00
CA LEU A 209 9.32 -12.08 -34.68
C LEU A 209 8.08 -12.87 -34.34
N LEU A 210 7.74 -12.92 -33.05
CA LEU A 210 6.47 -13.55 -32.59
C LEU A 210 5.26 -12.90 -33.29
N GLN A 211 5.12 -11.58 -33.27
CA GLN A 211 3.92 -10.90 -33.84
C GLN A 211 3.85 -11.19 -35.35
N ASN A 212 4.99 -11.17 -36.04
CA ASN A 212 5.04 -11.49 -37.50
C ASN A 212 4.67 -12.95 -37.74
N GLY A 213 5.08 -13.87 -36.85
CA GLY A 213 4.72 -15.29 -36.89
C GLY A 213 3.23 -15.45 -36.78
N VAL A 214 2.58 -14.63 -35.96
CA VAL A 214 1.10 -14.73 -35.84
C VAL A 214 0.49 -14.21 -37.15
N LYS A 215 0.92 -13.03 -37.58
CA LYS A 215 0.34 -12.38 -38.77
C LYS A 215 0.55 -13.31 -39.98
N GLU A 216 1.68 -13.99 -40.08
CA GLU A 216 2.06 -14.85 -41.25
C GLU A 216 1.42 -16.25 -41.11
N GLY A 217 0.75 -16.58 -40.01
CA GLY A 217 -0.03 -17.83 -39.95
C GLY A 217 0.80 -19.06 -39.57
N TRP A 218 2.00 -18.88 -39.00
CA TRP A 218 2.83 -20.03 -38.53
C TRP A 218 2.96 -20.08 -37.02
N ALA A 219 2.62 -19.00 -36.32
CA ALA A 219 2.69 -19.03 -34.84
C ALA A 219 1.28 -18.86 -34.27
N LYS A 220 0.93 -19.71 -33.31
CA LYS A 220 -0.41 -19.74 -32.67
C LYS A 220 -0.29 -19.33 -31.20
N PRO A 221 -0.86 -18.17 -30.85
CA PRO A 221 -0.92 -17.78 -29.45
C PRO A 221 -1.90 -18.67 -28.66
N ILE A 222 -1.46 -19.15 -27.49
CA ILE A 222 -2.24 -19.98 -26.55
C ILE A 222 -2.65 -19.07 -25.39
N THR A 223 -3.93 -18.77 -25.26
CA THR A 223 -4.41 -17.69 -24.36
C THR A 223 -5.08 -18.30 -23.14
N SER A 224 -5.44 -19.58 -23.20
CA SER A 224 -6.22 -20.25 -22.14
C SER A 224 -5.57 -21.61 -21.86
N GLY A 225 -4.87 -21.74 -20.74
CA GLY A 225 -4.26 -22.98 -20.23
C GLY A 225 -2.81 -23.11 -20.68
N ALA A 226 -2.13 -24.16 -20.25
CA ALA A 226 -0.79 -24.55 -20.74
C ALA A 226 -0.89 -24.96 -22.21
N ILE A 227 0.18 -24.86 -22.98
CA ILE A 227 0.21 -25.46 -24.34
C ILE A 227 -0.28 -26.93 -24.27
N ASN A 228 0.22 -27.74 -23.33
CA ASN A 228 -0.07 -29.18 -23.20
C ASN A 228 -1.53 -29.43 -22.83
N GLN A 229 -2.23 -28.41 -22.35
CA GLN A 229 -3.69 -28.43 -22.09
C GLN A 229 -4.46 -28.05 -23.35
N ASN A 230 -3.80 -27.59 -24.44
CA ASN A 230 -4.49 -27.16 -25.68
C ASN A 230 -4.29 -28.15 -26.83
N LEU A 231 -3.53 -29.21 -26.58
CA LEU A 231 -3.17 -30.18 -27.62
C LEU A 231 -4.45 -30.90 -28.03
N GLY A 232 -4.57 -31.18 -29.32
CA GLY A 232 -5.75 -31.87 -29.89
C GLY A 232 -6.63 -30.95 -30.68
N SER A 233 -6.54 -29.61 -30.47
CA SER A 233 -7.19 -28.56 -31.30
CA SER A 233 -7.20 -28.60 -31.33
C SER A 233 -6.26 -28.08 -32.42
N GLY A 234 -6.33 -28.65 -33.61
CA GLY A 234 -5.55 -28.15 -34.77
C GLY A 234 -4.13 -28.71 -34.78
N PRO A 235 -3.38 -28.45 -35.87
CA PRO A 235 -2.07 -29.07 -36.04
C PRO A 235 -1.06 -28.39 -35.10
N TYR A 236 -0.27 -29.22 -34.46
CA TYR A 236 0.86 -28.85 -33.58
C TYR A 236 2.13 -29.46 -34.14
N ALA A 237 3.18 -28.65 -34.34
CA ALA A 237 4.54 -29.13 -34.72
C ALA A 237 5.52 -28.91 -33.57
N PHE A 238 5.46 -27.75 -32.91
CA PHE A 238 6.55 -27.36 -31.98
C PHE A 238 6.09 -26.41 -30.88
N SER A 239 6.85 -26.40 -29.81
CA SER A 239 6.72 -25.37 -28.75
C SER A 239 8.04 -25.28 -28.03
N VAL A 240 8.32 -24.12 -27.47
CA VAL A 240 9.49 -23.91 -26.58
C VAL A 240 8.95 -23.77 -25.16
N ASP A 241 9.29 -24.74 -24.31
CA ASP A 241 8.59 -24.87 -23.03
C ASP A 241 9.50 -25.53 -22.00
N THR A 242 9.15 -25.31 -20.75
CA THR A 242 9.89 -25.92 -19.62
C THR A 242 9.99 -27.43 -19.76
N SER A 243 11.16 -27.97 -19.49
CA SER A 243 11.39 -29.42 -19.30
C SER A 243 10.42 -29.99 -18.28
N ALA A 244 9.94 -29.22 -17.30
CA ALA A 244 8.99 -29.70 -16.26
C ALA A 244 7.61 -29.98 -16.86
N GLY A 245 7.39 -29.58 -18.10
CA GLY A 245 6.20 -29.93 -18.89
C GLY A 245 6.21 -31.35 -19.41
N TYR A 246 7.33 -32.06 -19.34
CA TYR A 246 7.54 -33.34 -20.04
C TYR A 246 6.39 -34.35 -19.80
N THR A 247 6.04 -34.65 -18.55
CA THR A 247 4.96 -35.60 -18.19
C THR A 247 3.62 -35.07 -18.66
N TYR A 248 3.37 -33.77 -18.54
CA TYR A 248 2.12 -33.16 -19.03
C TYR A 248 1.95 -33.34 -20.54
N TYR A 249 2.99 -33.03 -21.33
CA TYR A 249 2.96 -33.24 -22.80
C TYR A 249 2.79 -34.74 -23.09
N LEU A 250 3.55 -35.62 -22.44
CA LEU A 250 3.47 -37.08 -22.64
C LEU A 250 2.05 -37.57 -22.44
N ARG A 251 1.36 -37.11 -21.40
CA ARG A 251 0.01 -37.62 -21.05
CA ARG A 251 0.01 -37.63 -21.05
C ARG A 251 -1.01 -37.08 -22.08
N ALA A 252 -0.81 -35.84 -22.57
CA ALA A 252 -1.79 -35.11 -23.41
C ALA A 252 -1.62 -35.50 -24.88
N ALA A 253 -0.41 -35.75 -25.34
CA ALA A 253 -0.12 -35.85 -26.78
C ALA A 253 -0.78 -37.10 -27.38
N LYS A 254 -1.58 -36.90 -28.42
CA LYS A 254 -2.17 -38.02 -29.22
C LYS A 254 -1.32 -38.27 -30.47
N PHE A 255 -0.05 -37.88 -30.42
CA PHE A 255 0.97 -38.02 -31.48
C PHE A 255 2.22 -38.51 -30.76
N ASP A 256 3.24 -38.92 -31.51
CA ASP A 256 4.55 -39.33 -30.97
C ASP A 256 5.35 -38.08 -30.59
N LEU A 257 5.55 -37.86 -29.29
CA LEU A 257 6.21 -36.65 -28.77
C LEU A 257 7.72 -36.73 -28.98
N GLY A 258 8.31 -35.65 -29.46
CA GLY A 258 9.77 -35.50 -29.56
C GLY A 258 10.26 -34.45 -28.58
N VAL A 259 11.49 -34.62 -28.09
CA VAL A 259 12.18 -33.55 -27.32
C VAL A 259 13.51 -33.33 -28.00
N ALA A 260 13.85 -32.09 -28.28
CA ALA A 260 15.15 -31.75 -28.90
C ALA A 260 15.76 -30.61 -28.11
N THR A 261 17.03 -30.34 -28.37
CA THR A 261 17.69 -29.09 -27.92
C THR A 261 17.08 -27.93 -28.73
N LEU A 262 17.20 -26.75 -28.17
CA LEU A 262 16.65 -25.50 -28.75
C LEU A 262 17.43 -25.12 -30.00
N PRO A 263 16.74 -24.63 -31.02
CA PRO A 263 17.39 -23.97 -32.14
C PRO A 263 18.24 -22.79 -31.70
N GLY A 264 19.44 -22.71 -32.24
CA GLY A 264 20.38 -21.63 -31.93
C GLY A 264 20.65 -20.73 -33.11
N ARG A 265 21.45 -19.68 -32.90
CA ARG A 265 21.88 -18.80 -34.03
C ARG A 265 22.50 -19.66 -35.16
N THR A 266 23.36 -20.60 -34.82
CA THR A 266 24.06 -21.47 -35.80
C THR A 266 24.05 -22.89 -35.28
N LYS A 267 24.46 -23.84 -36.11
CA LYS A 267 24.58 -25.24 -35.67
C LYS A 267 25.76 -25.43 -34.72
N GLY A 268 26.61 -24.42 -34.50
CA GLY A 268 27.76 -24.59 -33.60
C GLY A 268 27.33 -24.87 -32.17
N GLN A 269 26.11 -24.55 -31.81
CA GLN A 269 25.66 -24.66 -30.41
C GLN A 269 24.12 -24.61 -30.35
N PRO A 270 23.48 -25.41 -29.49
CA PRO A 270 22.05 -25.24 -29.23
C PRO A 270 21.79 -23.79 -28.73
N GLY A 271 20.60 -23.27 -28.97
CA GLY A 271 20.20 -21.97 -28.40
C GLY A 271 20.18 -22.04 -26.89
N TYR A 272 20.28 -20.89 -26.25
CA TYR A 272 20.10 -20.82 -24.78
C TYR A 272 18.63 -21.06 -24.41
N GLY A 273 18.39 -21.92 -23.42
CA GLY A 273 17.08 -22.04 -22.74
C GLY A 273 17.02 -21.15 -21.52
N LEU A 274 15.81 -20.76 -21.14
CA LEU A 274 15.54 -20.10 -19.83
C LEU A 274 15.51 -21.18 -18.73
N VAL A 275 16.26 -20.95 -17.65
CA VAL A 275 16.21 -21.73 -16.40
C VAL A 275 15.00 -21.25 -15.59
N GLN A 276 14.15 -22.22 -15.25
CA GLN A 276 13.00 -21.93 -14.37
C GLN A 276 13.00 -22.96 -13.24
N GLY A 277 11.88 -23.15 -12.58
CA GLY A 277 11.76 -23.93 -11.36
C GLY A 277 12.48 -23.22 -10.21
N THR A 278 12.69 -23.91 -9.10
CA THR A 278 12.98 -23.23 -7.82
C THR A 278 14.09 -23.89 -7.03
N ASN A 279 14.53 -23.13 -6.04
CA ASN A 279 15.52 -23.44 -5.02
C ASN A 279 14.77 -23.60 -3.70
N LEU A 280 15.36 -24.29 -2.74
CA LEU A 280 14.78 -24.35 -1.38
C LEU A 280 15.57 -23.40 -0.51
N VAL A 281 14.82 -22.53 0.15
CA VAL A 281 15.37 -21.57 1.16
C VAL A 281 14.95 -22.02 2.57
N VAL A 282 15.74 -21.61 3.55
CA VAL A 282 15.50 -21.89 4.99
C VAL A 282 15.32 -20.54 5.67
N PHE A 283 14.22 -20.35 6.39
CA PHE A 283 13.90 -19.08 7.07
C PHE A 283 14.60 -19.04 8.44
N ARG A 284 15.23 -17.91 8.73
CA ARG A 284 15.89 -17.62 10.03
C ARG A 284 14.89 -17.80 11.19
N GLN A 285 13.62 -17.51 10.95
CA GLN A 285 12.60 -17.60 12.03
C GLN A 285 12.37 -19.06 12.43
N ALA A 286 12.84 -20.07 11.69
CA ALA A 286 12.63 -21.47 12.08
C ALA A 286 13.43 -21.73 13.38
N SER A 287 12.94 -22.65 14.18
CA SER A 287 13.57 -23.13 15.41
C SER A 287 14.83 -23.93 15.06
N LYS A 288 15.76 -24.06 16.02
CA LYS A 288 17.01 -24.83 15.85
C LYS A 288 16.67 -26.25 15.47
N GLU A 289 15.60 -26.79 16.05
CA GLU A 289 15.19 -28.19 15.83
C GLU A 289 14.61 -28.26 14.39
N GLU A 290 13.79 -27.30 13.96
CA GLU A 290 13.24 -27.28 12.56
C GLU A 290 14.39 -27.11 11.55
N GLN A 291 15.38 -26.29 11.92
CA GLN A 291 16.54 -26.00 11.03
C GLN A 291 17.38 -27.29 10.84
N ALA A 292 17.51 -28.10 11.89
CA ALA A 292 18.22 -29.39 11.86
C ALA A 292 17.48 -30.36 10.92
N VAL A 293 16.15 -30.40 10.94
CA VAL A 293 15.33 -31.20 9.99
C VAL A 293 15.58 -30.68 8.57
N ALA A 294 15.61 -29.34 8.38
CA ALA A 294 15.90 -28.73 7.08
C ALA A 294 17.28 -29.17 6.60
N LYS A 295 18.30 -29.08 7.46
CA LYS A 295 19.66 -29.55 7.07
C LYS A 295 19.60 -31.00 6.56
N ASP A 296 18.98 -31.94 7.29
CA ASP A 296 18.99 -33.37 6.84
C ASP A 296 18.16 -33.50 5.56
N PHE A 297 17.09 -32.71 5.47
CA PHE A 297 16.20 -32.77 4.29
C PHE A 297 16.93 -32.26 3.04
N LEU A 298 17.72 -31.22 3.19
CA LEU A 298 18.45 -30.60 2.06
C LEU A 298 19.59 -31.56 1.64
N GLU A 299 20.27 -32.18 2.60
CA GLU A 299 21.29 -33.21 2.28
C GLU A 299 20.62 -34.36 1.49
N PHE A 300 19.44 -34.81 1.90
CA PHE A 300 18.70 -35.89 1.21
C PHE A 300 18.36 -35.49 -0.22
N VAL A 301 17.82 -34.28 -0.41
CA VAL A 301 17.39 -33.72 -1.72
C VAL A 301 18.57 -33.65 -2.71
N LEU A 302 19.77 -33.37 -2.20
CA LEU A 302 21.01 -33.28 -3.01
C LEU A 302 21.66 -34.66 -3.19
N SER A 303 21.13 -35.71 -2.56
CA SER A 303 21.71 -37.09 -2.72
C SER A 303 21.50 -37.59 -4.14
N PRO A 304 22.42 -38.41 -4.69
CA PRO A 304 22.30 -38.83 -6.08
C PRO A 304 20.97 -39.55 -6.36
N ARG A 305 20.50 -40.45 -5.47
CA ARG A 305 19.23 -41.20 -5.67
C ARG A 305 18.01 -40.27 -5.65
N ALA A 306 17.87 -39.34 -4.68
CA ALA A 306 16.69 -38.44 -4.64
C ALA A 306 16.64 -37.64 -5.94
N GLN A 307 17.81 -37.12 -6.38
CA GLN A 307 17.91 -36.31 -7.61
C GLN A 307 17.57 -37.18 -8.82
N ALA A 308 18.12 -38.40 -8.90
CA ALA A 308 17.84 -39.32 -10.02
C ALA A 308 16.32 -39.59 -10.09
N VAL A 309 15.69 -39.88 -8.95
CA VAL A 309 14.23 -40.23 -8.92
C VAL A 309 13.42 -38.96 -9.31
N PHE A 310 13.67 -37.85 -8.64
CA PHE A 310 12.90 -36.59 -8.83
C PHE A 310 12.97 -36.17 -10.31
N ALA A 311 14.19 -36.07 -10.87
CA ALA A 311 14.43 -35.59 -12.24
C ALA A 311 13.82 -36.55 -13.29
N THR A 312 14.00 -37.87 -13.18
CA THR A 312 13.35 -38.86 -14.07
C THR A 312 11.81 -38.92 -13.92
N ALA A 313 11.23 -38.63 -12.75
CA ALA A 313 9.77 -38.56 -12.56
C ALA A 313 9.20 -37.30 -13.25
N THR A 314 9.97 -36.25 -13.48
CA THR A 314 9.40 -34.90 -13.75
C THR A 314 9.91 -34.28 -15.05
N GLY A 315 11.14 -34.54 -15.49
CA GLY A 315 11.79 -33.74 -16.55
C GLY A 315 12.53 -32.51 -15.98
N TYR A 316 12.54 -32.28 -14.66
CA TYR A 316 13.51 -31.33 -14.08
C TYR A 316 14.93 -31.86 -14.31
N VAL A 317 15.89 -30.93 -14.20
CA VAL A 317 17.30 -31.19 -14.55
C VAL A 317 17.91 -31.69 -13.25
N PRO A 318 18.65 -32.81 -13.22
CA PRO A 318 19.37 -33.18 -11.99
C PRO A 318 20.38 -32.07 -11.65
N VAL A 319 20.46 -31.67 -10.37
CA VAL A 319 21.19 -30.45 -10.04
C VAL A 319 22.66 -30.79 -9.68
N THR A 320 23.00 -32.08 -9.53
CA THR A 320 24.34 -32.49 -9.08
C THR A 320 25.02 -33.36 -10.12
N GLU A 321 26.33 -33.33 -10.05
CA GLU A 321 27.19 -34.22 -10.87
C GLU A 321 26.88 -35.71 -10.53
N GLY A 322 26.78 -36.01 -9.24
CA GLY A 322 26.56 -37.38 -8.72
C GLY A 322 25.23 -38.01 -9.17
N ALA A 323 24.17 -37.23 -9.41
CA ALA A 323 22.89 -37.78 -9.88
C ALA A 323 23.10 -38.48 -11.23
N LEU A 324 23.97 -37.96 -12.12
CA LEU A 324 24.16 -38.53 -13.48
C LEU A 324 24.91 -39.88 -13.39
N LYS A 325 25.54 -40.16 -12.25
CA LYS A 325 26.34 -41.38 -12.03
C LYS A 325 25.50 -42.40 -11.25
N ASP A 326 24.26 -42.07 -10.96
CA ASP A 326 23.38 -42.98 -10.16
C ASP A 326 22.73 -44.01 -11.09
N PRO A 327 22.74 -45.31 -10.76
CA PRO A 327 22.24 -46.36 -11.64
C PRO A 327 20.77 -46.19 -12.02
N VAL A 328 19.97 -45.60 -11.14
CA VAL A 328 18.51 -45.38 -11.43
C VAL A 328 18.39 -44.31 -12.53
N TYR A 329 19.18 -43.25 -12.44
CA TYR A 329 19.23 -42.22 -13.51
C TYR A 329 19.68 -42.90 -14.81
N GLN A 330 20.73 -43.70 -14.73
CA GLN A 330 21.38 -44.34 -15.89
C GLN A 330 20.38 -45.29 -16.54
N ALA A 331 19.60 -46.05 -15.78
CA ALA A 331 18.61 -47.01 -16.33
C ALA A 331 17.55 -46.21 -17.11
N TYR A 332 17.00 -45.14 -16.52
CA TYR A 332 15.96 -44.34 -17.22
C TYR A 332 16.55 -43.69 -18.48
N ALA A 333 17.79 -43.22 -18.43
CA ALA A 333 18.45 -42.52 -19.56
C ALA A 333 18.65 -43.52 -20.71
N ALA A 334 18.99 -44.75 -20.37
CA ALA A 334 19.35 -45.78 -21.35
C ALA A 334 18.07 -46.16 -22.11
N GLU A 335 16.93 -46.06 -21.44
CA GLU A 335 15.58 -46.39 -21.97
C GLU A 335 14.97 -45.17 -22.65
N ASN A 336 15.41 -43.95 -22.33
CA ASN A 336 14.69 -42.73 -22.75
C ASN A 336 15.68 -41.63 -23.09
N PRO A 337 15.96 -41.43 -24.39
CA PRO A 337 16.94 -40.43 -24.82
C PRO A 337 16.59 -38.97 -24.46
N ASP A 338 15.36 -38.72 -24.07
CA ASP A 338 14.89 -37.34 -23.74
C ASP A 338 15.54 -36.83 -22.46
N TYR A 339 15.97 -37.73 -21.56
CA TYR A 339 16.57 -37.30 -20.29
C TYR A 339 17.92 -36.69 -20.62
N ALA A 340 18.71 -37.38 -21.42
CA ALA A 340 20.02 -36.91 -21.90
C ALA A 340 19.80 -35.61 -22.66
N THR A 341 18.73 -35.51 -23.45
CA THR A 341 18.48 -34.28 -24.25
C THR A 341 18.25 -33.11 -23.31
N ILE A 342 17.44 -33.36 -22.29
CA ILE A 342 17.21 -32.31 -21.25
C ILE A 342 18.51 -31.95 -20.57
N VAL A 343 19.36 -32.91 -20.16
CA VAL A 343 20.68 -32.56 -19.53
C VAL A 343 21.53 -31.76 -20.53
N ARG A 344 21.64 -32.22 -21.80
CA ARG A 344 22.45 -31.49 -22.79
C ARG A 344 21.94 -30.05 -22.89
N GLN A 345 20.63 -29.83 -22.98
CA GLN A 345 20.10 -28.45 -23.11
C GLN A 345 20.46 -27.64 -21.84
N SER A 346 20.51 -28.28 -20.67
CA SER A 346 20.81 -27.58 -19.37
C SER A 346 22.20 -26.94 -19.40
N ARG A 347 23.09 -27.38 -20.29
CA ARG A 347 24.44 -26.79 -20.41
C ARG A 347 24.36 -25.41 -21.06
N TYR A 348 23.25 -25.07 -21.76
CA TYR A 348 23.11 -23.80 -22.51
C TYR A 348 21.94 -23.04 -21.92
N ALA A 349 22.22 -22.41 -20.80
CA ALA A 349 21.23 -21.97 -19.81
C ALA A 349 21.43 -20.49 -19.53
N LYS A 350 20.35 -19.71 -19.57
CA LYS A 350 20.35 -18.30 -19.14
C LYS A 350 19.21 -18.06 -18.13
N PHE A 351 19.45 -17.10 -17.26
CA PHE A 351 18.55 -16.69 -16.16
C PHE A 351 18.05 -15.28 -16.48
N GLU A 352 16.83 -15.00 -16.05
CA GLU A 352 16.28 -13.65 -15.88
C GLU A 352 17.01 -12.92 -14.76
N PRO A 353 16.88 -11.58 -14.71
CA PRO A 353 17.49 -10.79 -13.64
C PRO A 353 17.01 -11.24 -12.26
N ALA A 354 17.89 -11.20 -11.27
CA ALA A 354 17.60 -11.62 -9.88
C ALA A 354 17.25 -10.37 -9.06
N LEU A 355 16.47 -9.46 -9.61
CA LEU A 355 16.01 -8.22 -8.92
C LEU A 355 14.80 -8.55 -8.06
N ALA A 356 14.66 -7.95 -6.90
CA ALA A 356 13.52 -8.18 -5.99
C ALA A 356 12.20 -7.98 -6.74
N GLU A 357 12.15 -7.00 -7.66
CA GLU A 357 10.91 -6.52 -8.29
C GLU A 357 10.63 -7.42 -9.50
N TRP A 358 11.46 -8.40 -9.75
CA TRP A 358 11.42 -9.07 -11.08
C TRP A 358 10.12 -9.86 -11.23
N GLU A 359 9.63 -10.53 -10.18
CA GLU A 359 8.36 -11.28 -10.31
C GLU A 359 7.25 -10.34 -10.82
N GLN A 360 7.11 -9.17 -10.19
CA GLN A 360 6.08 -8.18 -10.58
C GLN A 360 6.32 -7.79 -12.05
N ILE A 361 7.55 -7.48 -12.37
CA ILE A 361 7.89 -6.93 -13.69
C ILE A 361 7.57 -8.00 -14.75
N ARG A 362 8.00 -9.25 -14.50
CA ARG A 362 7.94 -10.25 -15.59
C ARG A 362 6.48 -10.50 -15.99
N PHE A 363 5.55 -10.51 -15.02
CA PHE A 363 4.13 -10.86 -15.32
C PHE A 363 3.32 -9.59 -15.63
N ASP A 364 3.45 -8.57 -14.81
CA ASP A 364 2.48 -7.44 -14.81
C ASP A 364 2.92 -6.39 -15.82
N ILE A 365 4.22 -6.35 -16.20
CA ILE A 365 4.75 -5.22 -17.00
C ILE A 365 5.24 -5.77 -18.34
N LEU A 366 6.31 -6.55 -18.34
CA LEU A 366 6.84 -7.19 -19.57
C LEU A 366 5.79 -8.14 -20.17
N GLY A 367 5.29 -9.09 -19.38
CA GLY A 367 4.22 -10.02 -19.79
C GLY A 367 3.04 -9.29 -20.43
N GLN A 368 2.53 -8.23 -19.79
CA GLN A 368 1.44 -7.41 -20.38
C GLN A 368 1.87 -6.77 -21.72
N ALA A 369 3.12 -6.31 -21.91
CA ALA A 369 3.57 -5.64 -23.14
C ALA A 369 3.55 -6.70 -24.24
N ILE A 370 4.00 -7.92 -23.90
CA ILE A 370 3.98 -9.04 -24.88
C ILE A 370 2.53 -9.33 -25.31
N LYS A 371 1.60 -9.40 -24.36
CA LYS A 371 0.18 -9.71 -24.67
C LYS A 371 -0.41 -8.56 -25.49
N GLU A 372 -0.08 -7.32 -25.17
CA GLU A 372 -0.61 -6.15 -25.92
C GLU A 372 -0.23 -6.34 -27.39
N ALA A 373 1.04 -6.67 -27.65
CA ALA A 373 1.66 -6.80 -28.98
C ALA A 373 1.04 -7.98 -29.72
N ILE A 374 0.97 -9.13 -29.04
CA ILE A 374 0.55 -10.41 -29.70
C ILE A 374 -0.96 -10.43 -29.82
N LEU A 375 -1.70 -10.14 -28.75
CA LEU A 375 -3.17 -10.35 -28.72
C LEU A 375 -3.86 -9.11 -29.30
N ASN A 376 -3.34 -7.91 -29.02
CA ASN A 376 -4.04 -6.66 -29.48
C ASN A 376 -3.26 -5.89 -30.55
N LYS A 377 -2.27 -6.52 -31.16
CA LYS A 377 -1.49 -5.97 -32.30
C LYS A 377 -0.90 -4.61 -31.93
N ALA A 378 -0.55 -4.42 -30.66
CA ALA A 378 0.22 -3.23 -30.23
C ALA A 378 1.55 -3.26 -31.00
N ASP A 379 2.01 -2.10 -31.43
CA ASP A 379 3.36 -1.97 -32.02
C ASP A 379 4.39 -2.49 -31.01
N PRO A 380 5.28 -3.43 -31.38
CA PRO A 380 6.24 -3.98 -30.41
C PRO A 380 7.07 -2.93 -29.68
N LYS A 381 7.63 -1.97 -30.40
CA LYS A 381 8.47 -0.93 -29.76
C LYS A 381 7.62 -0.12 -28.80
N ALA A 382 6.44 0.33 -29.22
CA ALA A 382 5.55 1.14 -28.36
C ALA A 382 5.19 0.34 -27.09
N ALA A 383 4.86 -0.93 -27.22
CA ALA A 383 4.48 -1.81 -26.08
C ALA A 383 5.66 -1.97 -25.13
N LEU A 384 6.88 -2.13 -25.67
CA LEU A 384 8.10 -2.32 -24.83
C LEU A 384 8.55 -1.00 -24.22
N ASP A 385 8.34 0.14 -24.92
CA ASP A 385 8.66 1.49 -24.41
C ASP A 385 7.78 1.72 -23.18
N ARG A 386 6.53 1.31 -23.25
CA ARG A 386 5.60 1.50 -22.10
C ARG A 386 6.12 0.66 -20.93
N ALA A 387 6.42 -0.62 -21.19
CA ALA A 387 6.96 -1.57 -20.18
C ALA A 387 8.19 -0.97 -19.49
N GLN A 388 9.12 -0.42 -20.28
CA GLN A 388 10.40 0.15 -19.77
C GLN A 388 10.09 1.24 -18.75
N LYS A 389 9.17 2.13 -19.12
CA LYS A 389 8.79 3.28 -18.26
C LYS A 389 8.15 2.77 -16.98
N LEU A 390 7.24 1.79 -17.09
CA LEU A 390 6.56 1.23 -15.88
C LEU A 390 7.60 0.53 -15.01
N ALA A 391 8.54 -0.20 -15.62
CA ALA A 391 9.67 -0.83 -14.88
C ALA A 391 10.52 0.24 -14.17
N GLU A 392 10.95 1.28 -14.90
CA GLU A 392 11.75 2.40 -14.31
C GLU A 392 11.01 3.04 -13.13
N ASP A 393 9.71 3.26 -13.24
CA ASP A 393 8.92 3.91 -12.16
C ASP A 393 8.81 2.96 -10.98
N LEU A 394 8.62 1.67 -11.23
CA LEU A 394 8.56 0.65 -10.14
C LEU A 394 9.91 0.65 -9.41
N LEU A 395 11.02 0.66 -10.14
CA LEU A 395 12.35 0.48 -9.53
C LEU A 395 12.72 1.76 -8.75
N SER A 396 12.14 2.92 -9.07
CA SER A 396 12.31 4.22 -8.37
C SER A 396 11.57 4.29 -7.04
N SER A 397 10.33 3.80 -7.01
CA SER A 397 9.31 4.06 -5.97
C SER A 397 9.78 3.61 -4.57
N LYS B 3 -5.01 45.41 -0.85
CA LYS B 3 -5.62 44.19 -0.24
C LYS B 3 -4.82 42.96 -0.62
N PRO B 4 -4.52 42.05 0.33
CA PRO B 4 -3.63 40.91 0.07
C PRO B 4 -3.96 40.05 -1.16
N GLU B 5 -5.25 39.74 -1.40
CA GLU B 5 -5.64 38.83 -2.52
C GLU B 5 -5.27 39.50 -3.86
N ASP B 6 -5.19 40.84 -3.89
CA ASP B 6 -4.76 41.67 -5.04
C ASP B 6 -3.25 41.47 -5.22
N VAL B 7 -2.45 41.79 -4.19
CA VAL B 7 -0.99 41.57 -4.19
C VAL B 7 -0.73 40.17 -4.76
N ILE B 8 -1.41 39.15 -4.23
CA ILE B 8 -1.22 37.72 -4.63
C ILE B 8 -1.58 37.55 -6.10
N LYS B 9 -2.70 38.10 -6.54
CA LYS B 9 -3.17 37.97 -7.96
C LYS B 9 -2.04 38.44 -8.88
N GLU B 10 -1.41 39.55 -8.48
CA GLU B 10 -0.28 40.19 -9.22
C GLU B 10 0.94 39.27 -9.20
N GLN B 11 1.27 38.73 -8.02
CA GLN B 11 2.42 37.79 -7.89
C GLN B 11 2.20 36.62 -8.84
N CYS B 12 1.01 36.01 -8.86
CA CYS B 12 0.75 34.78 -9.66
C CYS B 12 0.75 35.12 -11.16
N ALA B 13 0.30 36.32 -11.53
CA ALA B 13 0.25 36.81 -12.93
C ALA B 13 1.63 36.62 -13.59
N ARG B 14 2.70 37.02 -12.91
CA ARG B 14 4.08 37.07 -13.44
C ARG B 14 4.82 35.77 -13.14
N ALA B 15 4.19 34.78 -12.50
CA ALA B 15 4.85 33.54 -12.04
C ALA B 15 4.91 32.50 -13.18
N LYS B 16 6.02 31.77 -13.30
CA LYS B 16 6.15 30.61 -14.22
C LYS B 16 5.31 29.43 -13.70
N VAL B 17 5.26 29.23 -12.38
CA VAL B 17 4.53 28.07 -11.77
C VAL B 17 3.67 28.55 -10.60
N VAL B 18 2.42 28.13 -10.61
CA VAL B 18 1.36 28.53 -9.64
C VAL B 18 0.83 27.27 -9.00
N ALA B 19 0.93 27.14 -7.68
CA ALA B 19 0.32 26.03 -6.92
C ALA B 19 -0.97 26.57 -6.27
N GLU B 20 -2.13 26.07 -6.66
CA GLU B 20 -3.43 26.51 -6.07
C GLU B 20 -3.59 25.82 -4.70
N LEU B 21 -4.06 26.57 -3.72
CA LEU B 21 -4.32 26.10 -2.33
C LEU B 21 -5.80 26.40 -2.07
N TRP B 22 -6.64 25.37 -2.06
CA TRP B 22 -8.09 25.55 -1.77
C TRP B 22 -8.30 25.57 -0.27
N HIS B 23 -9.04 26.55 0.19
CA HIS B 23 -9.22 26.73 1.66
C HIS B 23 -10.69 27.05 1.97
N GLY B 24 -11.04 26.94 3.25
CA GLY B 24 -12.40 27.20 3.76
C GLY B 24 -12.44 28.37 4.74
N PHE B 25 -11.57 29.35 4.57
CA PHE B 25 -11.64 30.62 5.36
C PHE B 25 -12.51 31.60 4.61
N THR B 26 -13.70 31.95 5.13
CA THR B 26 -14.62 32.90 4.45
C THR B 26 -14.21 34.35 4.77
N GLY B 27 -13.43 34.62 5.81
CA GLY B 27 -13.05 36.03 6.07
C GLY B 27 -12.38 36.15 7.40
N GLY B 28 -12.48 37.35 8.00
CA GLY B 28 -11.87 37.69 9.29
C GLY B 28 -10.36 37.44 9.27
N ALA B 29 -9.79 37.34 10.47
CA ALA B 29 -8.33 37.15 10.71
C ALA B 29 -7.80 35.86 10.07
N PRO B 30 -8.47 34.70 10.15
CA PRO B 30 -7.98 33.51 9.48
C PRO B 30 -7.66 33.70 7.99
N LYS B 31 -8.60 34.26 7.24
CA LYS B 31 -8.39 34.57 5.81
C LYS B 31 -7.23 35.56 5.66
N ALA B 32 -7.17 36.61 6.45
CA ALA B 32 -6.17 37.68 6.26
C ALA B 32 -4.78 37.08 6.58
N ALA B 33 -4.68 36.30 7.65
CA ALA B 33 -3.38 35.75 8.12
C ALA B 33 -2.85 34.71 7.15
N LEU B 34 -3.73 33.90 6.53
CA LEU B 34 -3.37 32.99 5.43
C LEU B 34 -2.86 33.78 4.22
N GLU B 35 -3.59 34.83 3.83
CA GLU B 35 -3.22 35.66 2.65
C GLU B 35 -1.89 36.32 2.91
N ASN B 36 -1.69 36.83 4.12
CA ASN B 36 -0.45 37.54 4.50
C ASN B 36 0.75 36.58 4.43
N LEU B 37 0.56 35.37 4.95
CA LEU B 37 1.53 34.25 4.92
C LEU B 37 1.95 34.00 3.48
N VAL B 38 0.97 33.82 2.59
CA VAL B 38 1.22 33.54 1.14
C VAL B 38 1.96 34.71 0.48
N VAL B 39 1.55 35.97 0.70
CA VAL B 39 2.26 37.18 0.19
C VAL B 39 3.75 37.13 0.57
N GLU B 40 4.07 36.84 1.83
CA GLU B 40 5.48 36.70 2.32
C GLU B 40 6.18 35.57 1.54
N PHE B 41 5.59 34.38 1.46
CA PHE B 41 6.18 33.21 0.75
C PHE B 41 6.46 33.63 -0.70
N ASN B 42 5.45 34.17 -1.38
CA ASN B 42 5.54 34.52 -2.82
C ASN B 42 6.65 35.56 -3.08
N LYS B 43 6.94 36.47 -2.14
CA LYS B 43 8.01 37.49 -2.31
C LYS B 43 9.39 36.81 -2.35
N ALA B 44 9.57 35.66 -1.70
CA ALA B 44 10.88 35.00 -1.61
C ALA B 44 11.10 34.10 -2.84
N GLN B 45 10.15 33.98 -3.75
CA GLN B 45 10.28 33.08 -4.92
C GLN B 45 10.71 33.88 -6.13
N GLN B 46 11.25 33.23 -7.14
CA GLN B 46 11.40 33.85 -8.47
C GLN B 46 10.59 32.98 -9.46
N GLY B 47 9.44 33.48 -9.91
CA GLY B 47 8.57 32.82 -10.89
C GLY B 47 7.78 31.63 -10.33
N ARG B 48 7.64 31.53 -9.01
CA ARG B 48 6.99 30.39 -8.31
C ARG B 48 6.05 30.96 -7.26
N CYS B 49 4.77 30.61 -7.26
CA CYS B 49 3.81 31.21 -6.29
C CYS B 49 2.77 30.21 -5.81
N VAL B 50 2.17 30.54 -4.67
CA VAL B 50 0.93 29.87 -4.22
C VAL B 50 -0.25 30.82 -4.48
N ARG B 51 -1.33 30.30 -5.08
CA ARG B 51 -2.60 31.03 -5.24
C ARG B 51 -3.63 30.41 -4.30
N PRO B 52 -4.01 31.10 -3.20
CA PRO B 52 -5.12 30.66 -2.35
C PRO B 52 -6.49 30.94 -2.99
N VAL B 53 -7.37 29.93 -3.01
CA VAL B 53 -8.72 30.01 -3.60
C VAL B 53 -9.73 29.69 -2.52
N PRO B 54 -10.55 30.68 -2.13
CA PRO B 54 -11.60 30.45 -1.14
C PRO B 54 -12.71 29.61 -1.78
N GLN B 55 -13.15 28.55 -1.12
CA GLN B 55 -14.16 27.59 -1.63
C GLN B 55 -15.44 27.71 -0.79
N GLY B 56 -15.47 28.65 0.14
CA GLY B 56 -16.57 28.84 1.12
C GLY B 56 -16.11 28.38 2.50
N GLY B 57 -16.93 27.66 3.25
CA GLY B 57 -16.58 27.08 4.58
C GLY B 57 -15.95 25.72 4.38
N TYR B 58 -15.68 24.99 5.45
CA TYR B 58 -15.03 23.67 5.33
C TYR B 58 -15.92 22.63 4.62
N ARG B 59 -17.25 22.63 4.83
CA ARG B 59 -18.19 21.69 4.17
CA ARG B 59 -18.06 21.61 4.15
C ARG B 59 -18.23 21.99 2.66
N ASP B 60 -18.34 23.29 2.33
CA ASP B 60 -18.29 23.74 0.89
C ASP B 60 -16.97 23.27 0.26
N LEU B 61 -15.87 23.37 1.01
CA LEU B 61 -14.51 23.00 0.53
C LEU B 61 -14.49 21.52 0.16
N SER B 62 -14.96 20.63 1.03
CA SER B 62 -14.87 19.17 0.75
C SER B 62 -15.88 18.80 -0.37
N THR B 63 -17.02 19.51 -0.48
CA THR B 63 -18.01 19.32 -1.60
C THR B 63 -17.32 19.70 -2.91
N LYS B 64 -16.59 20.82 -2.90
CA LYS B 64 -15.87 21.33 -4.08
C LYS B 64 -14.70 20.41 -4.43
N ILE B 65 -14.01 19.80 -3.46
CA ILE B 65 -12.91 18.83 -3.76
C ILE B 65 -13.54 17.58 -4.41
N LYS B 66 -14.65 17.09 -3.89
CA LYS B 66 -15.41 15.94 -4.48
C LYS B 66 -15.79 16.25 -5.93
N ALA B 67 -16.28 17.45 -6.23
CA ALA B 67 -16.60 17.90 -7.60
C ALA B 67 -15.33 18.05 -8.43
N ALA B 68 -14.21 18.51 -7.86
CA ALA B 68 -12.90 18.55 -8.57
C ALA B 68 -12.48 17.16 -9.01
N PHE B 69 -12.57 16.17 -8.11
CA PHE B 69 -12.29 14.74 -8.43
C PHE B 69 -13.18 14.33 -9.61
N ALA B 70 -14.50 14.62 -9.55
CA ALA B 70 -15.45 14.21 -10.61
C ALA B 70 -15.11 14.91 -11.94
N ALA B 71 -14.60 16.15 -11.90
CA ALA B 71 -14.24 16.96 -13.10
C ALA B 71 -12.84 16.62 -13.59
N GLY B 72 -12.08 15.85 -12.81
CA GLY B 72 -10.75 15.28 -13.17
C GLY B 72 -9.62 16.28 -12.98
N LYS B 73 -9.76 17.24 -12.04
CA LYS B 73 -8.81 18.38 -12.00
C LYS B 73 -8.83 18.93 -10.60
N VAL B 74 -7.74 18.73 -9.84
CA VAL B 74 -7.68 19.09 -8.40
C VAL B 74 -6.63 20.17 -8.24
N PRO B 75 -6.69 21.02 -7.19
CA PRO B 75 -5.60 21.96 -6.94
C PRO B 75 -4.31 21.23 -6.50
N THR B 76 -3.22 21.96 -6.23
CA THR B 76 -1.97 21.42 -5.72
C THR B 76 -2.15 21.04 -4.23
N MET B 77 -2.79 21.93 -3.48
CA MET B 77 -2.99 21.77 -2.04
C MET B 77 -4.44 22.07 -1.64
N ALA B 78 -4.83 21.58 -0.47
CA ALA B 78 -6.11 21.99 0.15
C ALA B 78 -6.02 21.85 1.65
N GLN B 79 -6.84 22.60 2.37
CA GLN B 79 -7.15 22.26 3.76
C GLN B 79 -7.98 20.98 3.79
N ALA B 80 -7.76 20.18 4.81
CA ALA B 80 -8.50 18.95 5.12
C ALA B 80 -8.53 18.62 6.61
N PHE B 81 -9.70 18.23 7.11
CA PHE B 81 -9.82 17.48 8.39
C PHE B 81 -9.26 16.07 8.19
N GLU B 82 -8.93 15.42 9.29
CA GLU B 82 -8.46 14.01 9.38
C GLU B 82 -9.43 13.13 8.57
N ASN B 83 -10.75 13.29 8.71
CA ASN B 83 -11.72 12.37 8.06
C ASN B 83 -11.78 12.67 6.55
N ASN B 84 -11.48 13.90 6.11
CA ASN B 84 -11.36 14.27 4.66
C ASN B 84 -10.13 13.55 4.10
N ILE B 85 -9.02 13.61 4.83
CA ILE B 85 -7.76 12.90 4.42
C ILE B 85 -8.08 11.41 4.17
N ALA B 86 -8.78 10.77 5.12
CA ALA B 86 -9.24 9.37 5.04
C ALA B 86 -10.02 9.17 3.74
N LEU B 87 -10.97 10.06 3.45
CA LEU B 87 -11.78 9.96 2.21
C LEU B 87 -10.92 10.09 0.95
N TYR B 88 -10.06 11.10 0.88
CA TYR B 88 -9.17 11.35 -0.29
C TYR B 88 -8.20 10.18 -0.45
N LEU B 89 -7.79 9.53 0.64
CA LEU B 89 -6.90 8.33 0.53
C LEU B 89 -7.64 7.15 -0.10
N GLU B 90 -8.99 7.07 -0.04
CA GLU B 90 -9.75 6.03 -0.79
C GLU B 90 -9.53 6.20 -2.30
N ALA B 91 -9.42 7.43 -2.79
CA ALA B 91 -9.19 7.73 -4.23
C ALA B 91 -7.70 7.67 -4.54
N LYS B 92 -6.84 7.40 -3.53
CA LYS B 92 -5.36 7.47 -3.59
C LYS B 92 -4.93 8.83 -4.10
N ALA B 93 -5.61 9.89 -3.67
CA ALA B 93 -5.43 11.22 -4.33
C ALA B 93 -4.24 11.96 -3.70
N LEU B 94 -3.63 11.48 -2.61
CA LEU B 94 -2.74 12.34 -1.76
C LEU B 94 -1.28 11.87 -1.77
N LEU B 95 -0.34 12.81 -1.82
CA LEU B 95 1.11 12.53 -1.76
C LEU B 95 1.53 12.37 -0.30
N PRO B 96 2.31 11.34 0.08
CA PRO B 96 2.91 11.28 1.41
C PRO B 96 3.87 12.49 1.58
N ILE B 97 3.66 13.20 2.68
CA ILE B 97 4.35 14.47 3.00
C ILE B 97 5.87 14.27 3.04
N GLU B 98 6.33 13.25 3.76
CA GLU B 98 7.76 12.97 4.02
C GLU B 98 8.45 12.68 2.70
N SER B 99 7.77 12.02 1.75
CA SER B 99 8.30 11.73 0.40
C SER B 99 8.55 13.03 -0.36
N LEU B 100 7.76 14.07 -0.13
CA LEU B 100 7.96 15.40 -0.77
C LEU B 100 9.24 16.05 -0.26
N GLY B 101 9.71 15.69 0.94
CA GLY B 101 10.93 16.24 1.56
C GLY B 101 10.63 17.24 2.68
N VAL B 102 9.37 17.38 3.13
CA VAL B 102 8.99 18.32 4.23
C VAL B 102 9.45 17.71 5.56
N LYS B 103 10.19 18.47 6.36
CA LYS B 103 10.73 17.94 7.64
C LYS B 103 9.65 18.14 8.71
N LEU B 104 9.29 17.08 9.44
CA LEU B 104 8.19 17.16 10.44
C LEU B 104 8.72 17.04 11.87
N GLN B 105 10.05 17.00 12.07
CA GLN B 105 10.63 17.01 13.44
C GLN B 105 10.24 18.31 14.13
N GLY B 106 9.76 18.22 15.35
CA GLY B 106 9.37 19.42 16.08
C GLY B 106 7.88 19.66 16.02
N VAL B 107 7.16 19.05 15.08
CA VAL B 107 5.68 19.22 14.98
C VAL B 107 5.05 18.48 16.16
N ASN B 108 4.19 19.18 16.87
CA ASN B 108 3.46 18.62 18.02
C ASN B 108 2.89 17.23 17.65
N LEU B 109 3.19 16.22 18.49
CA LEU B 109 2.83 14.80 18.26
C LEU B 109 1.32 14.59 18.25
N THR B 110 0.57 15.39 19.04
CA THR B 110 -0.93 15.51 19.11
C THR B 110 -1.42 15.68 17.66
N PHE B 111 -0.72 16.47 16.86
CA PHE B 111 -1.20 16.88 15.53
C PHE B 111 -0.63 15.92 14.46
N LEU B 112 0.64 15.55 14.60
CA LEU B 112 1.29 14.55 13.70
C LEU B 112 0.57 13.22 13.76
N ASN B 113 0.25 12.72 14.95
CA ASN B 113 -0.42 11.39 15.10
C ASN B 113 -1.71 11.43 14.26
N ALA B 114 -2.40 12.58 14.26
CA ALA B 114 -3.73 12.76 13.62
C ALA B 114 -3.63 12.70 12.08
N VAL B 115 -2.46 12.98 11.49
CA VAL B 115 -2.33 13.05 9.99
C VAL B 115 -1.62 11.79 9.48
N ARG B 116 -1.33 10.84 10.38
CA ARG B 116 -0.58 9.59 10.06
C ARG B 116 -1.60 8.50 9.83
N PHE B 117 -1.61 7.88 8.64
CA PHE B 117 -2.54 6.80 8.24
C PHE B 117 -1.71 5.61 7.77
N GLY B 118 -1.91 4.44 8.40
CA GLY B 118 -1.08 3.25 8.24
C GLY B 118 0.38 3.59 8.34
N GLY B 119 0.74 4.44 9.31
CA GLY B 119 2.10 4.84 9.65
C GLY B 119 2.68 5.89 8.71
N VAL B 120 1.89 6.40 7.74
CA VAL B 120 2.37 7.37 6.72
C VAL B 120 1.62 8.69 6.95
N VAL B 121 2.38 9.78 7.11
CA VAL B 121 1.84 11.16 7.22
C VAL B 121 1.33 11.64 5.86
N TYR B 122 0.09 12.12 5.77
CA TYR B 122 -0.55 12.58 4.53
C TYR B 122 -1.05 14.02 4.64
N GLY B 123 -0.80 14.70 5.76
CA GLY B 123 -1.13 16.12 5.88
C GLY B 123 -0.09 16.86 6.74
N VAL B 124 -0.07 18.18 6.61
CA VAL B 124 0.78 19.08 7.42
C VAL B 124 -0.16 19.86 8.34
N PRO B 125 -0.08 19.67 9.66
CA PRO B 125 -0.85 20.53 10.54
C PRO B 125 -0.55 21.98 10.21
N PHE B 126 -1.59 22.78 10.03
CA PHE B 126 -1.45 24.20 9.62
C PHE B 126 -2.21 25.10 10.62
N ASN B 127 -3.53 25.00 10.62
CA ASN B 127 -4.44 25.86 11.45
C ASN B 127 -5.22 24.93 12.38
N LYS B 128 -4.62 24.59 13.53
CA LYS B 128 -5.16 23.60 14.49
C LYS B 128 -5.63 24.44 15.66
N SER B 129 -6.89 24.23 16.00
CA SER B 129 -7.62 24.93 17.08
C SER B 129 -7.85 23.99 18.25
N ILE B 130 -8.11 24.59 19.41
CA ILE B 130 -8.57 23.82 20.57
C ILE B 130 -9.76 24.60 21.16
N GLN B 131 -10.75 23.91 21.68
CA GLN B 131 -11.82 24.59 22.44
C GLN B 131 -11.23 25.24 23.69
N VAL B 132 -11.77 26.42 24.01
CA VAL B 132 -11.42 27.15 25.24
C VAL B 132 -12.74 27.60 25.87
N LEU B 133 -12.65 28.00 27.13
CA LEU B 133 -13.78 28.67 27.80
C LEU B 133 -13.68 30.18 27.59
N TYR B 134 -14.54 30.72 26.77
CA TYR B 134 -14.73 32.17 26.64
C TYR B 134 -15.66 32.61 27.76
N TYR B 135 -15.37 33.73 28.36
CA TYR B 135 -16.26 34.22 29.43
C TYR B 135 -16.32 35.76 29.48
N ASN B 136 -17.33 36.23 30.17
CA ASN B 136 -17.57 37.68 30.37
C ASN B 136 -16.95 38.05 31.71
N LYS B 137 -15.75 38.61 31.69
CA LYS B 137 -15.02 38.94 32.93
C LYS B 137 -15.86 39.88 33.77
N ASP B 138 -16.50 40.83 33.13
CA ASP B 138 -17.32 41.85 33.83
C ASP B 138 -18.44 41.16 34.62
N LEU B 139 -19.16 40.26 33.97
CA LEU B 139 -20.38 39.66 34.56
C LEU B 139 -19.97 38.75 35.72
N LEU B 140 -18.92 37.93 35.59
CA LEU B 140 -18.52 37.04 36.71
C LEU B 140 -18.13 37.93 37.89
N LYS B 141 -17.40 39.02 37.68
CA LYS B 141 -16.97 39.94 38.78
C LYS B 141 -18.22 40.60 39.38
N LYS B 142 -19.12 41.04 38.54
CA LYS B 142 -20.39 41.64 39.04
C LYS B 142 -21.02 40.73 40.12
N HIS B 143 -21.00 39.39 39.99
CA HIS B 143 -21.73 38.49 40.92
C HIS B 143 -20.77 37.68 41.84
N GLY B 144 -19.48 38.03 41.85
CA GLY B 144 -18.45 37.37 42.70
C GLY B 144 -18.27 35.90 42.36
N VAL B 145 -18.35 35.56 41.10
CA VAL B 145 -18.27 34.15 40.61
C VAL B 145 -16.85 33.89 40.12
N PRO B 146 -16.09 32.96 40.73
CA PRO B 146 -14.79 32.60 40.22
C PRO B 146 -15.00 31.92 38.87
N VAL B 147 -13.98 32.01 38.02
CA VAL B 147 -13.91 31.22 36.77
C VAL B 147 -14.07 29.75 37.14
N PRO B 148 -15.03 29.01 36.56
CA PRO B 148 -15.24 27.62 36.97
C PRO B 148 -14.08 26.75 36.45
N ALA B 149 -13.52 25.91 37.32
CA ALA B 149 -12.41 24.98 37.01
C ALA B 149 -12.94 23.55 36.82
N THR B 150 -14.13 23.25 37.30
CA THR B 150 -14.74 21.90 37.18
C THR B 150 -16.10 22.04 36.51
N LEU B 151 -16.56 20.93 35.96
CA LEU B 151 -17.93 20.82 35.36
C LEU B 151 -18.94 21.21 36.44
N GLU B 152 -18.76 20.68 37.64
CA GLU B 152 -19.68 20.97 38.77
C GLU B 152 -19.69 22.49 39.01
N GLU B 153 -18.54 23.16 39.10
CA GLU B 153 -18.45 24.63 39.32
C GLU B 153 -19.09 25.38 38.14
N PHE B 154 -18.90 24.87 36.93
CA PHE B 154 -19.46 25.46 35.70
C PHE B 154 -20.99 25.46 35.72
N VAL B 155 -21.64 24.33 35.96
CA VAL B 155 -23.13 24.25 36.14
C VAL B 155 -23.62 25.19 37.27
N ALA B 156 -22.90 25.22 38.38
CA ALA B 156 -23.30 26.01 39.58
C ALA B 156 -23.24 27.47 39.22
N ALA B 157 -22.19 27.87 38.49
CA ALA B 157 -21.91 29.24 38.06
C ALA B 157 -22.95 29.65 37.01
N ALA B 158 -23.27 28.78 36.04
CA ALA B 158 -24.28 29.13 35.02
C ALA B 158 -25.66 29.34 35.70
N LYS B 159 -26.00 28.53 36.69
CA LYS B 159 -27.29 28.70 37.44
C LYS B 159 -27.28 30.00 38.22
N LYS B 160 -26.19 30.32 38.89
CA LYS B 160 -26.11 31.48 39.82
C LYS B 160 -26.23 32.75 38.98
N LEU B 161 -25.50 32.78 37.88
CA LEU B 161 -25.45 33.94 36.97
C LEU B 161 -26.78 34.07 36.24
N SER B 162 -27.38 32.97 35.83
CA SER B 162 -28.64 33.04 35.05
C SER B 162 -29.73 33.58 35.96
N ARG B 163 -29.81 33.05 37.18
CA ARG B 163 -30.87 33.51 38.13
C ARG B 163 -30.65 35.01 38.34
N ALA B 164 -29.41 35.45 38.58
CA ALA B 164 -29.13 36.89 38.85
C ALA B 164 -29.48 37.77 37.63
N GLU B 165 -29.26 37.35 36.39
CA GLU B 165 -29.37 38.24 35.21
C GLU B 165 -30.73 38.06 34.55
N GLY B 166 -31.49 37.03 34.95
CA GLY B 166 -32.87 36.76 34.48
C GLY B 166 -32.86 36.11 33.11
N GLY B 167 -31.82 35.33 32.83
CA GLY B 167 -31.66 34.77 31.48
C GLY B 167 -30.48 33.80 31.43
N PRO B 168 -30.50 32.86 30.47
CA PRO B 168 -29.50 31.81 30.37
C PRO B 168 -28.15 32.36 29.90
N VAL B 169 -27.09 32.08 30.64
CA VAL B 169 -25.80 32.79 30.44
C VAL B 169 -24.76 31.85 29.83
N TYR B 170 -25.01 30.55 29.81
CA TYR B 170 -24.10 29.60 29.08
C TYR B 170 -24.66 29.47 27.67
N TRP B 171 -23.96 30.00 26.67
CA TRP B 171 -24.48 30.00 25.28
C TRP B 171 -23.78 28.89 24.52
N PHE B 172 -24.53 28.12 23.72
CA PHE B 172 -23.92 26.99 22.99
C PHE B 172 -24.67 26.79 21.68
N GLN B 173 -23.94 26.35 20.68
CA GLN B 173 -24.54 25.79 19.46
C GLN B 173 -24.91 24.35 19.72
N PRO B 174 -26.14 23.94 19.37
CA PRO B 174 -26.55 22.54 19.50
C PRO B 174 -25.93 21.73 18.36
N ASP B 175 -24.63 21.46 18.46
CA ASP B 175 -23.86 20.80 17.36
C ASP B 175 -22.89 19.74 17.93
N ALA B 176 -22.31 18.95 17.03
CA ALA B 176 -21.34 17.88 17.33
C ALA B 176 -20.15 18.40 18.12
N SER B 177 -19.71 19.60 17.82
CA SER B 177 -18.48 20.21 18.44
C SER B 177 -18.76 20.48 19.94
N THR B 178 -19.86 21.16 20.25
CA THR B 178 -20.17 21.46 21.65
C THR B 178 -20.41 20.15 22.41
N PHE B 179 -21.19 19.23 21.81
CA PHE B 179 -21.50 17.92 22.39
C PHE B 179 -20.19 17.21 22.78
N ALA B 180 -19.16 17.31 21.93
CA ALA B 180 -17.85 16.62 22.13
C ALA B 180 -17.25 17.02 23.46
N TYR B 181 -17.26 18.31 23.76
CA TYR B 181 -16.71 18.79 25.03
C TYR B 181 -17.37 18.06 26.23
N PHE B 182 -18.68 17.98 26.29
CA PHE B 182 -19.39 17.38 27.46
C PHE B 182 -19.22 15.87 27.44
N PHE B 183 -19.28 15.29 26.23
CA PHE B 183 -19.20 13.84 26.06
C PHE B 183 -17.83 13.35 26.52
N PHE B 184 -16.76 13.93 25.97
CA PHE B 184 -15.36 13.56 26.32
C PHE B 184 -15.16 13.72 27.82
N ASN B 185 -15.63 14.81 28.42
CA ASN B 185 -15.34 15.13 29.84
C ASN B 185 -16.29 14.39 30.78
N LEU B 186 -17.27 13.66 30.28
CA LEU B 186 -18.03 12.67 31.07
C LEU B 186 -17.49 11.25 30.83
N GLY B 187 -16.30 11.10 30.23
CA GLY B 187 -15.64 9.79 30.08
C GLY B 187 -16.02 9.09 28.79
N GLY B 188 -16.62 9.78 27.82
CA GLY B 188 -17.16 9.14 26.61
C GLY B 188 -16.07 8.83 25.59
N SER B 189 -16.27 7.79 24.81
CA SER B 189 -15.47 7.55 23.61
C SER B 189 -16.39 7.10 22.49
N TYR B 190 -16.06 7.53 21.27
CA TYR B 190 -16.82 7.26 20.03
C TYR B 190 -16.57 5.84 19.55
N LEU B 191 -15.33 5.34 19.61
CA LEU B 191 -15.03 3.96 19.12
C LEU B 191 -15.01 2.98 20.30
N LYS B 192 -15.76 1.88 20.18
CA LYS B 192 -15.83 0.77 21.16
C LYS B 192 -15.42 -0.50 20.42
N ASP B 193 -14.16 -0.92 20.61
CA ASP B 193 -13.59 -2.12 19.95
C ASP B 193 -13.74 -1.90 18.43
N GLY B 194 -13.49 -0.66 17.99
CA GLY B 194 -13.44 -0.27 16.57
C GLY B 194 -14.81 -0.02 15.95
N LYS B 195 -15.93 -0.15 16.68
CA LYS B 195 -17.24 0.23 16.11
C LYS B 195 -17.61 1.63 16.60
N LEU B 196 -18.13 2.47 15.69
CA LEU B 196 -18.62 3.83 15.99
C LEU B 196 -19.90 3.71 16.80
N VAL B 197 -19.94 4.35 17.97
CA VAL B 197 -21.12 4.31 18.89
C VAL B 197 -21.48 5.77 19.26
N LEU B 198 -22.68 6.19 18.85
CA LEU B 198 -23.20 7.56 19.08
C LEU B 198 -24.15 7.57 20.27
N ASN B 199 -24.55 6.39 20.80
CA ASN B 199 -25.66 6.30 21.78
C ASN B 199 -25.19 5.61 23.05
N SER B 200 -23.93 5.73 23.40
CA SER B 200 -23.37 5.18 24.66
C SER B 200 -23.98 5.94 25.85
N LYS B 201 -23.84 5.44 27.06
CA LYS B 201 -24.51 6.12 28.17
C LYS B 201 -23.86 7.50 28.42
N GLU B 202 -22.56 7.71 28.12
CA GLU B 202 -21.92 9.05 28.28
C GLU B 202 -22.52 10.03 27.24
N ALA B 203 -22.89 9.55 26.06
CA ALA B 203 -23.53 10.37 25.01
C ALA B 203 -24.91 10.80 25.53
N VAL B 204 -25.67 9.87 26.07
CA VAL B 204 -27.00 10.18 26.66
C VAL B 204 -26.81 11.21 27.79
N GLU B 205 -25.84 10.96 28.70
CA GLU B 205 -25.53 11.86 29.83
C GLU B 205 -25.21 13.27 29.32
N ALA B 206 -24.35 13.38 28.31
CA ALA B 206 -23.86 14.69 27.83
C ALA B 206 -25.04 15.48 27.25
N LEU B 207 -25.83 14.85 26.40
CA LEU B 207 -26.98 15.49 25.67
C LEU B 207 -28.09 15.75 26.70
N THR B 208 -28.23 14.90 27.71
CA THR B 208 -29.22 15.17 28.78
C THR B 208 -28.77 16.41 29.57
N LEU B 209 -27.48 16.60 29.78
CA LEU B 209 -26.98 17.74 30.61
C LEU B 209 -27.33 19.03 29.87
N LEU B 210 -27.03 19.07 28.58
CA LEU B 210 -27.39 20.26 27.75
C LEU B 210 -28.90 20.47 27.78
N GLN B 211 -29.73 19.45 27.50
CA GLN B 211 -31.18 19.64 27.41
C GLN B 211 -31.71 20.11 28.78
N ASN B 212 -31.17 19.56 29.86
CA ASN B 212 -31.58 19.98 31.24
C ASN B 212 -31.19 21.44 31.49
N GLY B 213 -30.03 21.85 30.97
CA GLY B 213 -29.57 23.24 31.09
C GLY B 213 -30.49 24.18 30.36
N VAL B 214 -31.06 23.76 29.24
CA VAL B 214 -32.05 24.62 28.55
C VAL B 214 -33.32 24.70 29.40
N LYS B 215 -33.82 23.55 29.85
CA LYS B 215 -35.09 23.48 30.62
C LYS B 215 -34.93 24.34 31.88
N GLU B 216 -33.76 24.30 32.51
CA GLU B 216 -33.52 24.95 33.82
C GLU B 216 -33.17 26.43 33.62
N GLY B 217 -33.01 26.90 32.40
CA GLY B 217 -32.89 28.34 32.16
C GLY B 217 -31.46 28.85 32.35
N TRP B 218 -30.45 27.96 32.35
CA TRP B 218 -29.03 28.40 32.41
C TRP B 218 -28.27 28.17 31.11
N ALA B 219 -28.79 27.37 30.19
CA ALA B 219 -28.12 27.18 28.88
C ALA B 219 -29.01 27.75 27.77
N LYS B 220 -28.43 28.51 26.87
CA LYS B 220 -29.12 29.20 25.75
C LYS B 220 -28.66 28.62 24.42
N PRO B 221 -29.56 27.91 23.71
CA PRO B 221 -29.23 27.45 22.37
C PRO B 221 -29.14 28.61 21.38
N ILE B 222 -28.06 28.64 20.60
CA ILE B 222 -27.80 29.63 19.51
C ILE B 222 -28.09 28.94 18.18
N THR B 223 -29.10 29.42 17.47
CA THR B 223 -29.70 28.68 16.33
C THR B 223 -29.45 29.45 15.03
N SER B 224 -28.98 30.68 15.11
CA SER B 224 -28.68 31.52 13.94
C SER B 224 -27.35 32.25 14.17
N GLY B 225 -26.32 31.88 13.42
CA GLY B 225 -24.99 32.51 13.41
C GLY B 225 -24.07 31.88 14.45
N ALA B 226 -22.84 32.32 14.49
CA ALA B 226 -21.85 31.90 15.52
C ALA B 226 -22.28 32.52 16.88
N ILE B 227 -21.87 31.95 17.98
CA ILE B 227 -22.10 32.61 19.30
C ILE B 227 -21.60 34.06 19.26
N ASN B 228 -20.40 34.32 18.71
CA ASN B 228 -19.79 35.68 18.69
C ASN B 228 -20.62 36.63 17.81
N GLN B 229 -21.46 36.10 16.92
CA GLN B 229 -22.42 36.88 16.11
C GLN B 229 -23.73 37.16 16.87
N ASN B 230 -23.90 36.58 18.06
CA ASN B 230 -25.17 36.76 18.82
C ASN B 230 -24.95 37.59 20.09
N LEU B 231 -23.74 38.08 20.31
CA LEU B 231 -23.41 38.82 21.55
C LEU B 231 -24.16 40.15 21.51
N GLY B 232 -24.64 40.62 22.65
CA GLY B 232 -25.35 41.92 22.76
C GLY B 232 -26.83 41.75 23.02
N SER B 233 -27.42 40.59 22.63
CA SER B 233 -28.80 40.16 22.95
C SER B 233 -28.82 39.33 24.25
N GLY B 234 -29.08 39.92 25.41
CA GLY B 234 -29.25 39.13 26.64
C GLY B 234 -27.91 38.87 27.32
N PRO B 235 -27.89 38.49 28.60
CA PRO B 235 -26.67 38.34 29.36
C PRO B 235 -25.93 37.09 28.86
N TYR B 236 -24.63 37.27 28.70
CA TYR B 236 -23.67 36.21 28.33
C TYR B 236 -22.63 36.09 29.41
N ALA B 237 -22.40 34.88 29.91
CA ALA B 237 -21.33 34.55 30.88
C ALA B 237 -20.24 33.70 30.22
N PHE B 238 -20.62 32.72 29.41
CA PHE B 238 -19.63 31.69 29.01
C PHE B 238 -20.02 31.02 27.71
N SER B 239 -18.99 30.47 27.06
CA SER B 239 -19.23 29.54 25.94
C SER B 239 -18.01 28.65 25.80
N VAL B 240 -18.22 27.47 25.26
CA VAL B 240 -17.13 26.52 24.93
C VAL B 240 -16.98 26.54 23.42
N ASP B 241 -15.86 27.04 22.92
CA ASP B 241 -15.78 27.39 21.48
C ASP B 241 -14.32 27.29 21.00
N THR B 242 -14.16 27.09 19.71
CA THR B 242 -12.82 27.05 19.10
C THR B 242 -11.99 28.29 19.48
N SER B 243 -10.73 28.07 19.77
CA SER B 243 -9.70 29.11 19.90
C SER B 243 -9.65 30.00 18.66
N ALA B 244 -10.00 29.52 17.45
CA ALA B 244 -9.95 30.31 16.21
C ALA B 244 -11.06 31.36 16.19
N GLY B 245 -12.00 31.27 17.13
CA GLY B 245 -12.98 32.34 17.35
C GLY B 245 -12.42 33.58 18.03
N TYR B 246 -11.20 33.55 18.54
CA TYR B 246 -10.70 34.59 19.46
C TYR B 246 -10.85 36.01 18.91
N THR B 247 -10.42 36.31 17.68
CA THR B 247 -10.54 37.67 17.10
C THR B 247 -12.01 38.03 16.93
N TYR B 248 -12.86 37.08 16.54
CA TYR B 248 -14.30 37.33 16.37
C TYR B 248 -14.97 37.73 17.69
N TYR B 249 -14.70 37.00 18.75
CA TYR B 249 -15.21 37.34 20.11
C TYR B 249 -14.66 38.72 20.49
N LEU B 250 -13.35 38.93 20.34
CA LEU B 250 -12.72 40.22 20.73
C LEU B 250 -13.40 41.39 20.03
N ARG B 251 -13.68 41.26 18.73
CA ARG B 251 -14.27 42.38 17.94
C ARG B 251 -15.73 42.59 18.36
N ALA B 252 -16.45 41.51 18.72
CA ALA B 252 -17.92 41.54 18.97
C ALA B 252 -18.20 41.98 20.42
N ALA B 253 -17.36 41.60 21.35
CA ALA B 253 -17.68 41.69 22.80
C ALA B 253 -17.67 43.16 23.21
N LYS B 254 -18.76 43.63 23.78
CA LYS B 254 -18.83 45.00 24.39
C LYS B 254 -18.32 44.99 25.84
N PHE B 255 -18.13 43.81 26.38
CA PHE B 255 -17.70 43.52 27.76
C PHE B 255 -16.22 43.13 27.68
N ASP B 256 -15.55 43.01 28.82
CA ASP B 256 -14.15 42.55 28.92
C ASP B 256 -14.11 41.02 28.75
N LEU B 257 -13.53 40.57 27.64
CA LEU B 257 -13.55 39.15 27.27
C LEU B 257 -12.45 38.40 28.05
N GLY B 258 -12.83 37.27 28.63
CA GLY B 258 -11.89 36.33 29.29
C GLY B 258 -11.71 35.08 28.46
N VAL B 259 -10.52 34.47 28.54
CA VAL B 259 -10.27 33.11 27.99
C VAL B 259 -9.67 32.29 29.12
N ALA B 260 -10.24 31.12 29.38
CA ALA B 260 -9.75 30.23 30.45
C ALA B 260 -9.54 28.86 29.84
N THR B 261 -8.85 28.01 30.56
CA THR B 261 -8.88 26.56 30.23
C THR B 261 -10.27 26.01 30.55
N LEU B 262 -10.63 24.92 29.90
CA LEU B 262 -11.95 24.25 30.02
C LEU B 262 -12.11 23.65 31.41
N PRO B 263 -13.28 23.76 32.01
CA PRO B 263 -13.63 22.98 33.18
C PRO B 263 -13.45 21.49 32.97
N GLY B 264 -12.85 20.84 33.96
CA GLY B 264 -12.64 19.40 33.93
C GLY B 264 -13.44 18.66 34.97
N ARG B 265 -13.34 17.33 34.96
CA ARG B 265 -13.92 16.46 36.02
C ARG B 265 -13.49 16.95 37.39
N THR B 266 -12.19 17.19 37.62
CA THR B 266 -11.67 17.68 38.92
C THR B 266 -10.70 18.82 38.64
N LYS B 267 -10.26 19.49 39.69
CA LYS B 267 -9.24 20.55 39.58
C LYS B 267 -7.87 19.95 39.27
N GLY B 268 -7.71 18.64 39.29
CA GLY B 268 -6.39 18.07 38.97
C GLY B 268 -5.93 18.37 37.55
N GLN B 269 -6.85 18.69 36.65
CA GLN B 269 -6.53 18.91 35.24
C GLN B 269 -7.65 19.66 34.52
N PRO B 270 -7.33 20.52 33.54
CA PRO B 270 -8.37 21.12 32.71
C PRO B 270 -9.11 19.99 31.95
N GLY B 271 -10.35 20.26 31.57
CA GLY B 271 -11.09 19.33 30.70
C GLY B 271 -10.46 19.24 29.35
N TYR B 272 -10.75 18.15 28.67
CA TYR B 272 -10.32 17.96 27.26
C TYR B 272 -11.12 18.91 26.35
N GLY B 273 -10.43 19.56 25.42
CA GLY B 273 -11.00 20.32 24.30
C GLY B 273 -11.04 19.46 23.07
N LEU B 274 -11.98 19.74 22.19
CA LEU B 274 -11.98 19.26 20.80
C LEU B 274 -10.91 20.00 19.97
N VAL B 275 -10.04 19.25 19.28
CA VAL B 275 -9.12 19.80 18.26
C VAL B 275 -9.93 19.96 16.96
N GLN B 276 -9.96 21.17 16.42
CA GLN B 276 -10.53 21.44 15.09
C GLN B 276 -9.47 22.14 14.22
N GLY B 277 -9.90 22.82 13.17
CA GLY B 277 -9.04 23.39 12.12
C GLY B 277 -8.48 22.28 11.26
N THR B 278 -7.50 22.63 10.41
CA THR B 278 -7.19 21.76 9.28
C THR B 278 -5.68 21.58 9.11
N ASN B 279 -5.42 20.58 8.27
CA ASN B 279 -4.07 20.17 7.79
C ASN B 279 -3.98 20.55 6.31
N LEU B 280 -2.77 20.67 5.78
CA LEU B 280 -2.62 20.91 4.32
C LEU B 280 -2.18 19.60 3.68
N VAL B 281 -2.92 19.20 2.64
CA VAL B 281 -2.64 17.97 1.84
C VAL B 281 -2.13 18.37 0.47
N VAL B 282 -1.38 17.50 -0.19
CA VAL B 282 -0.82 17.75 -1.55
C VAL B 282 -1.37 16.64 -2.45
N PHE B 283 -2.01 17.02 -3.54
CA PHE B 283 -2.63 16.07 -4.52
C PHE B 283 -1.56 15.55 -5.49
N ARG B 284 -1.56 14.22 -5.64
CA ARG B 284 -0.69 13.46 -6.57
C ARG B 284 -0.72 14.05 -7.98
N GLN B 285 -1.86 14.60 -8.41
CA GLN B 285 -2.06 15.09 -9.80
C GLN B 285 -1.14 16.25 -10.08
N ALA B 286 -0.65 16.96 -9.04
CA ALA B 286 0.16 18.17 -9.25
C ALA B 286 1.42 17.82 -10.04
N SER B 287 1.88 18.75 -10.86
CA SER B 287 3.16 18.67 -11.62
C SER B 287 4.34 18.64 -10.63
N LYS B 288 5.50 18.13 -11.09
CA LYS B 288 6.71 18.06 -10.24
C LYS B 288 7.05 19.47 -9.77
N GLU B 289 6.87 20.46 -10.66
CA GLU B 289 7.17 21.87 -10.37
C GLU B 289 6.18 22.34 -9.28
N GLU B 290 4.87 22.03 -9.41
CA GLU B 290 3.84 22.45 -8.40
C GLU B 290 4.14 21.77 -7.06
N GLN B 291 4.58 20.52 -7.10
CA GLN B 291 4.90 19.75 -5.86
C GLN B 291 6.09 20.39 -5.12
N ALA B 292 7.11 20.85 -5.87
CA ALA B 292 8.30 21.54 -5.34
C ALA B 292 7.86 22.86 -4.68
N VAL B 293 6.96 23.63 -5.29
CA VAL B 293 6.35 24.84 -4.65
C VAL B 293 5.61 24.45 -3.38
N ALA B 294 4.82 23.37 -3.41
CA ALA B 294 4.13 22.86 -2.20
C ALA B 294 5.15 22.48 -1.13
N LYS B 295 6.21 21.77 -1.49
CA LYS B 295 7.27 21.39 -0.52
C LYS B 295 7.82 22.65 0.17
N ASP B 296 8.20 23.67 -0.61
CA ASP B 296 8.78 24.91 0.01
C ASP B 296 7.72 25.64 0.83
N PHE B 297 6.49 25.60 0.34
CA PHE B 297 5.37 26.31 1.03
C PHE B 297 5.10 25.68 2.39
N LEU B 298 5.16 24.35 2.45
CA LEU B 298 4.88 23.60 3.67
C LEU B 298 6.02 23.78 4.67
N GLU B 299 7.25 23.79 4.20
CA GLU B 299 8.42 24.11 5.04
C GLU B 299 8.26 25.54 5.60
N PHE B 300 7.84 26.52 4.80
CA PHE B 300 7.63 27.91 5.24
C PHE B 300 6.57 27.96 6.35
N VAL B 301 5.46 27.25 6.16
CA VAL B 301 4.27 27.27 7.07
C VAL B 301 4.66 26.69 8.45
N LEU B 302 5.61 25.74 8.45
CA LEU B 302 6.11 25.10 9.67
C LEU B 302 7.27 25.90 10.29
N SER B 303 7.68 27.01 9.65
CA SER B 303 8.82 27.83 10.17
C SER B 303 8.35 28.55 11.44
N PRO B 304 9.26 28.79 12.41
CA PRO B 304 8.85 29.38 13.67
C PRO B 304 8.14 30.74 13.50
N ARG B 305 8.66 31.62 12.63
CA ARG B 305 8.06 32.97 12.35
C ARG B 305 6.66 32.85 11.73
N ALA B 306 6.45 32.04 10.68
CA ALA B 306 5.13 31.92 10.04
C ALA B 306 4.11 31.44 11.09
N GLN B 307 4.49 30.42 11.87
CA GLN B 307 3.60 29.85 12.93
C GLN B 307 3.37 30.91 14.01
N ALA B 308 4.40 31.62 14.46
CA ALA B 308 4.26 32.67 15.50
C ALA B 308 3.28 33.74 15.02
N VAL B 309 3.43 34.23 13.80
CA VAL B 309 2.54 35.29 13.24
C VAL B 309 1.12 34.73 13.07
N PHE B 310 0.97 33.58 12.41
CA PHE B 310 -0.35 32.99 12.10
C PHE B 310 -1.12 32.77 13.39
N ALA B 311 -0.52 32.08 14.37
CA ALA B 311 -1.19 31.73 15.64
C ALA B 311 -1.58 33.00 16.42
N THR B 312 -0.72 34.00 16.53
CA THR B 312 -1.01 35.25 17.28
C THR B 312 -2.01 36.14 16.52
N ALA B 313 -2.12 36.06 15.19
CA ALA B 313 -3.12 36.80 14.41
C ALA B 313 -4.50 36.18 14.62
N THR B 314 -4.61 34.90 15.00
CA THR B 314 -5.87 34.13 14.86
C THR B 314 -6.34 33.51 16.18
N GLY B 315 -5.45 33.05 17.06
CA GLY B 315 -5.87 32.15 18.16
C GLY B 315 -5.78 30.67 17.80
N TYR B 316 -5.30 30.33 16.62
CA TYR B 316 -4.87 28.93 16.36
C TYR B 316 -3.66 28.60 17.23
N VAL B 317 -3.47 27.30 17.40
CA VAL B 317 -2.44 26.74 18.28
C VAL B 317 -1.19 26.61 17.40
N PRO B 318 -0.04 27.17 17.79
CA PRO B 318 1.19 26.94 17.06
C PRO B 318 1.48 25.43 16.98
N VAL B 319 1.86 24.94 15.80
CA VAL B 319 1.86 23.48 15.59
C VAL B 319 3.25 22.90 15.91
N THR B 320 4.25 23.76 16.13
CA THR B 320 5.65 23.32 16.37
C THR B 320 6.14 23.80 17.72
N GLU B 321 7.08 23.05 18.27
CA GLU B 321 7.89 23.48 19.45
C GLU B 321 8.60 24.82 19.13
N GLY B 322 9.22 24.96 17.95
CA GLY B 322 10.04 26.14 17.58
C GLY B 322 9.26 27.47 17.52
N ALA B 323 7.98 27.44 17.20
CA ALA B 323 7.15 28.68 17.21
C ALA B 323 7.12 29.29 18.62
N LEU B 324 7.12 28.51 19.68
CA LEU B 324 7.01 29.04 21.07
C LEU B 324 8.33 29.73 21.49
N LYS B 325 9.42 29.45 20.79
CA LYS B 325 10.74 30.04 21.09
C LYS B 325 11.01 31.20 20.12
N ASP B 326 10.05 31.54 19.26
CA ASP B 326 10.21 32.70 18.35
C ASP B 326 9.90 34.00 19.08
N PRO B 327 10.76 35.05 18.97
CA PRO B 327 10.59 36.30 19.74
C PRO B 327 9.27 36.99 19.44
N VAL B 328 8.70 36.80 18.23
CA VAL B 328 7.40 37.45 17.88
C VAL B 328 6.28 36.78 18.70
N TYR B 329 6.33 35.45 18.78
CA TYR B 329 5.37 34.72 19.65
C TYR B 329 5.53 35.20 21.10
N GLN B 330 6.78 35.26 21.57
CA GLN B 330 7.11 35.62 22.98
C GLN B 330 6.62 37.03 23.30
N ALA B 331 6.81 37.99 22.40
CA ALA B 331 6.35 39.39 22.61
C ALA B 331 4.82 39.40 22.75
N TYR B 332 4.07 38.72 21.86
CA TYR B 332 2.58 38.73 21.94
C TYR B 332 2.11 38.07 23.24
N ALA B 333 2.76 36.99 23.62
CA ALA B 333 2.39 36.22 24.84
C ALA B 333 2.62 37.07 26.09
N ALA B 334 3.70 37.84 26.09
CA ALA B 334 4.11 38.66 27.24
C ALA B 334 3.06 39.76 27.44
N GLU B 335 2.47 40.22 26.34
CA GLU B 335 1.45 41.30 26.25
C GLU B 335 0.05 40.72 26.53
N ASN B 336 -0.19 39.45 26.27
CA ASN B 336 -1.56 38.88 26.21
C ASN B 336 -1.53 37.48 26.80
N PRO B 337 -1.99 37.30 28.05
CA PRO B 337 -1.99 35.98 28.70
C PRO B 337 -2.84 34.90 27.98
N ASP B 338 -3.77 35.29 27.13
CA ASP B 338 -4.68 34.36 26.43
C ASP B 338 -3.94 33.42 25.50
N TYR B 339 -2.78 33.84 24.97
CA TYR B 339 -2.05 33.01 24.00
C TYR B 339 -1.53 31.82 24.76
N ALA B 340 -0.93 32.04 25.94
CA ALA B 340 -0.40 30.96 26.80
C ALA B 340 -1.60 30.12 27.24
N THR B 341 -2.74 30.72 27.54
CA THR B 341 -3.93 29.94 27.97
C THR B 341 -4.40 29.02 26.81
N ILE B 342 -4.38 29.49 25.58
CA ILE B 342 -4.66 28.64 24.39
C ILE B 342 -3.60 27.52 24.29
N VAL B 343 -2.30 27.80 24.42
CA VAL B 343 -1.25 26.70 24.39
C VAL B 343 -1.48 25.73 25.52
N ARG B 344 -1.72 26.21 26.75
CA ARG B 344 -1.92 25.30 27.88
C ARG B 344 -3.10 24.39 27.58
N GLN B 345 -4.22 24.93 27.07
CA GLN B 345 -5.41 24.10 26.78
C GLN B 345 -5.09 23.08 25.68
N SER B 346 -4.20 23.42 24.75
CA SER B 346 -3.86 22.53 23.61
C SER B 346 -3.20 21.24 24.10
N ARG B 347 -2.68 21.21 25.34
CA ARG B 347 -2.09 20.00 25.92
C ARG B 347 -3.17 19.00 26.31
N TYR B 348 -4.42 19.42 26.45
CA TYR B 348 -5.57 18.57 26.89
C TYR B 348 -6.58 18.47 25.74
N ALA B 349 -6.25 17.61 24.79
CA ALA B 349 -6.78 17.64 23.41
C ALA B 349 -7.38 16.30 23.09
N LYS B 350 -8.61 16.31 22.57
CA LYS B 350 -9.24 15.09 22.05
C LYS B 350 -9.66 15.31 20.59
N PHE B 351 -9.69 14.22 19.84
CA PHE B 351 -10.04 14.20 18.40
C PHE B 351 -11.29 13.34 18.20
N GLU B 352 -12.13 13.76 17.27
CA GLU B 352 -13.22 12.96 16.68
C GLU B 352 -12.67 11.83 15.83
N PRO B 353 -13.51 10.80 15.52
CA PRO B 353 -13.08 9.68 14.68
C PRO B 353 -12.56 10.17 13.33
N ALA B 354 -11.53 9.51 12.79
CA ALA B 354 -10.90 9.84 11.49
C ALA B 354 -11.49 8.96 10.39
N LEU B 355 -12.77 8.57 10.47
CA LEU B 355 -13.49 7.75 9.46
C LEU B 355 -13.88 8.63 8.27
N ALA B 356 -13.81 8.06 7.06
CA ALA B 356 -14.14 8.79 5.82
C ALA B 356 -15.54 9.42 5.91
N GLU B 357 -16.48 8.76 6.57
CA GLU B 357 -17.92 9.14 6.59
C GLU B 357 -18.15 10.20 7.66
N TRP B 358 -17.12 10.56 8.40
CA TRP B 358 -17.38 11.29 9.67
C TRP B 358 -17.96 12.68 9.40
N GLU B 359 -17.55 13.35 8.35
CA GLU B 359 -18.14 14.71 8.08
C GLU B 359 -19.67 14.60 7.96
N GLN B 360 -20.16 13.67 7.13
CA GLN B 360 -21.62 13.45 6.97
C GLN B 360 -22.24 13.12 8.32
N ILE B 361 -21.61 12.25 9.07
CA ILE B 361 -22.20 11.76 10.34
C ILE B 361 -22.30 12.95 11.29
N ARG B 362 -21.21 13.71 11.43
CA ARG B 362 -21.13 14.70 12.55
C ARG B 362 -22.22 15.76 12.35
N PHE B 363 -22.48 16.14 11.09
CA PHE B 363 -23.42 17.25 10.79
C PHE B 363 -24.84 16.70 10.60
N ASP B 364 -24.99 15.66 9.76
CA ASP B 364 -26.31 15.29 9.20
C ASP B 364 -26.99 14.31 10.13
N ILE B 365 -26.26 13.59 10.98
CA ILE B 365 -26.81 12.47 11.79
C ILE B 365 -26.69 12.84 13.26
N LEU B 366 -25.47 12.96 13.80
CA LEU B 366 -25.25 13.32 15.21
C LEU B 366 -25.76 14.75 15.47
N GLY B 367 -25.31 15.73 14.68
CA GLY B 367 -25.75 17.12 14.72
C GLY B 367 -27.27 17.23 14.74
N GLN B 368 -27.93 16.49 13.85
CA GLN B 368 -29.41 16.47 13.81
C GLN B 368 -30.00 15.89 15.10
N ALA B 369 -29.46 14.82 15.67
CA ALA B 369 -29.93 14.20 16.93
C ALA B 369 -29.83 15.25 18.05
N ILE B 370 -28.72 15.97 18.08
CA ILE B 370 -28.51 17.02 19.13
C ILE B 370 -29.57 18.12 18.98
N LYS B 371 -29.83 18.57 17.76
CA LYS B 371 -30.82 19.64 17.48
C LYS B 371 -32.23 19.11 17.83
N GLU B 372 -32.54 17.85 17.52
CA GLU B 372 -33.87 17.27 17.82
C GLU B 372 -34.09 17.39 19.34
N ALA B 373 -33.10 17.02 20.14
CA ALA B 373 -33.16 16.93 21.62
C ALA B 373 -33.24 18.33 22.20
N ILE B 374 -32.38 19.23 21.71
CA ILE B 374 -32.25 20.61 22.27
C ILE B 374 -33.37 21.48 21.74
N LEU B 375 -33.64 21.49 20.43
CA LEU B 375 -34.61 22.46 19.85
C LEU B 375 -36.02 21.87 19.87
N ASN B 376 -36.19 20.56 19.70
CA ASN B 376 -37.56 19.96 19.67
C ASN B 376 -37.83 19.05 20.87
N LYS B 377 -37.03 19.14 21.93
CA LYS B 377 -37.22 18.39 23.22
C LYS B 377 -37.39 16.88 22.93
N ALA B 378 -36.71 16.35 21.92
CA ALA B 378 -36.66 14.90 21.67
C ALA B 378 -35.99 14.27 22.91
N ASP B 379 -36.42 13.07 23.29
CA ASP B 379 -35.72 12.31 24.35
C ASP B 379 -34.27 12.07 23.91
N PRO B 380 -33.26 12.43 24.73
CA PRO B 380 -31.85 12.29 24.30
C PRO B 380 -31.51 10.87 23.81
N LYS B 381 -31.85 9.85 24.58
CA LYS B 381 -31.56 8.44 24.19
C LYS B 381 -32.27 8.13 22.88
N ALA B 382 -33.57 8.41 22.75
CA ALA B 382 -34.30 8.13 21.47
C ALA B 382 -33.61 8.84 20.29
N ALA B 383 -33.25 10.11 20.43
CA ALA B 383 -32.59 10.90 19.37
C ALA B 383 -31.24 10.28 19.01
N LEU B 384 -30.48 9.84 20.01
CA LEU B 384 -29.13 9.23 19.76
C LEU B 384 -29.28 7.78 19.23
N ASP B 385 -30.33 7.05 19.61
CA ASP B 385 -30.59 5.67 19.11
C ASP B 385 -30.92 5.78 17.61
N ARG B 386 -31.65 6.80 17.21
CA ARG B 386 -31.94 7.05 15.78
C ARG B 386 -30.62 7.32 15.06
N ALA B 387 -29.80 8.23 15.58
CA ALA B 387 -28.49 8.59 15.00
C ALA B 387 -27.65 7.33 14.81
N GLN B 388 -27.58 6.47 15.83
CA GLN B 388 -26.74 5.24 15.81
C GLN B 388 -27.14 4.39 14.62
N LYS B 389 -28.44 4.19 14.43
CA LYS B 389 -28.99 3.33 13.35
C LYS B 389 -28.68 3.98 12.00
N LEU B 390 -28.87 5.30 11.87
CA LEU B 390 -28.55 6.02 10.59
C LEU B 390 -27.05 5.92 10.31
N ALA B 391 -26.22 6.07 11.35
CA ALA B 391 -24.74 5.91 11.21
C ALA B 391 -24.42 4.46 10.75
N GLU B 392 -24.95 3.45 11.46
CA GLU B 392 -24.69 2.02 11.09
C GLU B 392 -25.10 1.74 9.64
N ASP B 393 -26.24 2.26 9.19
CA ASP B 393 -26.75 2.05 7.82
C ASP B 393 -25.85 2.74 6.81
N LEU B 394 -25.39 3.95 7.14
CA LEU B 394 -24.49 4.71 6.25
C LEU B 394 -23.19 3.93 6.10
N LEU B 395 -22.64 3.41 7.19
CA LEU B 395 -21.32 2.75 7.15
C LEU B 395 -21.44 1.44 6.37
N SER B 396 -22.62 0.82 6.28
CA SER B 396 -22.84 -0.48 5.58
C SER B 396 -23.02 -0.26 4.06
N SER B 397 -23.74 0.78 3.63
CA SER B 397 -23.95 1.20 2.21
C SER B 397 -22.84 0.67 1.29
C CO2 C . -3.17 -34.15 -9.39
O1 CO2 C . -3.04 -34.01 -8.23
O2 CO2 C . -3.19 -34.02 -10.54
C1 EDO D . 22.49 -14.36 -9.56
O1 EDO D . 21.26 -14.88 -9.05
C2 EDO D . 23.49 -14.10 -8.51
O2 EDO D . 22.89 -13.69 -7.31
C1 EDO E . 28.99 -26.30 -18.93
O1 EDO E . 28.90 -27.68 -19.24
C2 EDO E . 29.98 -25.65 -19.78
O2 EDO E . 29.82 -25.93 -21.17
C1 GOL F . -2.16 -31.53 -31.77
O1 GOL F . -3.35 -30.78 -31.49
C2 GOL F . -2.43 -32.69 -32.69
O2 GOL F . -2.87 -33.81 -31.93
C3 GOL F . -1.24 -33.07 -33.54
O3 GOL F . -0.85 -32.02 -34.42
C10 FGO G . 7.10 -21.48 -14.61
C11 FGO G . 7.26 -19.27 -13.96
C12 FGO G . 8.10 -17.61 -12.43
C13 FGO G . 9.29 -16.78 -12.29
C14 FGO G . 9.45 -17.95 -14.09
C15 FGO G . 9.33 -15.92 -11.12
C16 FGO G . 7.20 -16.76 -10.48
C17 FGO G . 6.67 -19.21 -15.37
C18 FGO G . 6.57 -20.67 -15.76
C21 FGO G . 5.29 -18.64 -15.33
O12 FGO G . 9.02 -25.33 -12.46
P FGO G . 8.69 -24.87 -13.84
O11 FGO G . 9.90 -25.15 -14.86
O FGO G . 7.44 -25.70 -14.42
C FGO G . 6.17 -25.70 -13.75
C3 FGO G . 6.05 -27.09 -13.19
C4 FGO G . 5.42 -27.12 -11.81
O3 FGO G . 4.14 -26.49 -11.88
O2 FGO G . 5.25 -27.79 -14.13
C2 FGO G . 4.86 -27.00 -15.24
N FGO G . 3.47 -27.41 -15.64
C8 FGO G . 2.43 -27.47 -14.75
C7 FGO G . 1.16 -27.82 -15.20
C6 FGO G . 1.01 -28.06 -16.57
O5 FGO G . -0.07 -28.39 -17.09
N1 FGO G . 2.03 -27.96 -17.41
C5 FGO G . 3.25 -27.64 -16.97
O4 FGO G . 4.18 -27.53 -17.75
C1 FGO G . 5.00 -25.57 -14.73
O1 FGO G . 5.19 -24.48 -15.67
O6 FGO G . 8.33 -23.33 -13.88
C9 FGO G . 7.98 -22.63 -15.05
C19 FGO G . 5.14 -21.00 -16.03
C20 FGO G . 4.37 -19.71 -15.87
O9 FGO G . 3.30 -20.03 -15.04
O10 FGO G . 3.81 -19.20 -17.10
O7 FGO G . 7.91 -20.57 -13.86
N2 FGO G . 8.27 -18.27 -13.56
N3 FGO G . 10.08 -17.03 -13.34
N5 FGO G . 7.08 -17.59 -11.56
N6 FGO G . 6.18 -16.75 -9.58
N4 FGO G . 8.29 -15.95 -10.29
O8 FGO G . 10.34 -15.21 -10.95
C CO2 H . -13.68 40.11 6.04
O1 CO2 H . -13.83 39.59 7.06
O2 CO2 H . -13.73 40.49 4.95
C CO2 I . 8.71 39.94 11.46
O1 CO2 I . 8.60 38.87 10.97
O2 CO2 I . 8.87 40.86 12.19
C CO2 J . 3.42 42.70 20.40
O1 CO2 J . 3.18 41.57 20.35
O2 CO2 J . 3.91 43.76 20.44
C CO2 K . -1.34 46.14 -5.21
O1 CO2 K . -2.31 46.75 -5.03
O2 CO2 K . -0.26 45.67 -5.19
C1 EDO L . -33.44 7.17 28.38
O1 EDO L . -34.24 6.05 28.78
C2 EDO L . -32.30 7.52 29.25
O2 EDO L . -31.38 6.45 29.52
C1 EDO M . 14.29 35.15 23.09
O1 EDO M . 13.74 34.73 21.85
C2 EDO M . 15.52 36.00 22.95
O2 EDO M . 15.43 37.07 22.01
C1 PDO N . 2.31 16.09 22.92
O1 PDO N . 1.95 16.35 21.57
C2 PDO N . 1.83 14.76 23.46
C3 PDO N . 2.30 13.51 22.73
O3 PDO N . 1.26 12.56 22.47
C1 GOL O . -23.72 39.59 26.01
O1 GOL O . -24.55 39.96 24.91
C2 GOL O . -23.02 40.77 26.66
O2 GOL O . -23.12 41.95 25.85
C3 GOL O . -23.48 41.07 28.06
O3 GOL O . -23.57 39.90 28.88
C10 FGO P . -15.20 24.40 12.79
C11 FGO P . -16.02 22.45 12.03
C12 FGO P . -15.71 20.47 10.69
C13 FGO P . -15.27 19.08 10.91
C14 FGO P . -15.24 20.15 12.79
C15 FGO P . -15.24 18.18 9.76
C16 FGO P . -15.99 19.96 8.44
C17 FGO P . -17.02 22.89 13.10
C18 FGO P . -16.49 24.24 13.56
C21 FGO P . -18.37 23.11 12.54
O12 FGO P . -10.72 26.22 12.30
P FGO P . -11.86 26.20 13.30
O11 FGO P . -11.30 25.91 14.76
O FGO P . -12.59 27.61 13.35
C FGO P . -13.19 28.27 12.21
C3 FGO P . -12.30 29.42 11.81
C4 FGO P . -12.30 29.74 10.30
O3 FGO P . -13.68 29.74 9.81
O2 FGO P . -12.83 30.57 12.47
C2 FGO P . -14.00 30.20 13.20
N FGO P . -15.01 31.31 13.10
C8 FGO P . -15.40 31.84 11.90
C7 FGO P . -16.33 32.85 11.89
C6 FGO P . -16.90 33.25 13.11
O5 FGO P . -17.77 34.18 13.18
N1 FGO P . -16.53 32.70 14.27
C5 FGO P . -15.59 31.74 14.29
O4 FGO P . -15.26 31.20 15.38
C1 FGO P . -14.51 28.91 12.56
O1 FGO P . -15.34 28.07 13.37
O6 FGO P . -12.89 25.05 12.93
C9 FGO P . -14.10 24.89 13.72
C19 FGO P . -17.49 25.35 13.22
C20 FGO P . -18.50 24.60 12.36
O9 FGO P . -18.31 24.92 10.99
O10 FGO P . -19.85 24.91 12.77
O7 FGO P . -14.84 23.09 12.37
N2 FGO P . -15.68 21.04 11.87
N3 FGO P . -14.99 18.94 12.22
N5 FGO P . -16.07 20.89 9.45
N6 FGO P . -16.31 20.34 7.20
N4 FGO P . -15.59 18.66 8.58
O8 FGO P . -14.85 16.99 9.89
#